data_3ZRK
#
_entry.id   3ZRK
#
_cell.length_a   151.896
_cell.length_b   151.896
_cell.length_c   201.119
_cell.angle_alpha   90.00
_cell.angle_beta   90.00
_cell.angle_gamma   120.00
#
_symmetry.space_group_name_H-M   'H 3 2'
#
loop_
_entity.id
_entity.type
_entity.pdbx_description
1 polymer 'GLYCOGEN SYNTHASE KINASE-3 BETA'
2 polymer 'PROTO-ONCOGENE FRAT1'
3 non-polymer 'SULFATE ION'
4 non-polymer GLYCEROL
5 non-polymer 2-(4-PYRIDINYL)FURO[3,2-C]PYRIDIN-4(5H)-ONE
6 water water
#
loop_
_entity_poly.entity_id
_entity_poly.type
_entity_poly.pdbx_seq_one_letter_code
_entity_poly.pdbx_strand_id
1 'polypeptide(L)'
;FGSMKVSRDKDGSKVTTVVATPGQGPDRPQEVSYTDTKVIGNGSFGVVYQAKLCDSGELVAIKKVLQDKRFKNRELQIMR
KLDHCNIVRLRYFFYSSGEKKDEVYLNLVLDYVPETVYRVARHYSRAKQTLPVIYVKLYMYQLFRSLAYIHSFGICHRDI
KPQNLLLDPDTAVLKLCDFGSAKQLVRGEPNVS(PTR)ICSRYYRAPELIFGATDYTSSIDVWSAGCVLAELLLGQPIFP
GDSGVDQLVEIIKVLGTPTREQIREMNPNYTEFKFPQIKAHPWTKVFRPRTPPEAIALCSRLLEYTPTARLTPLEACAHS
FFDELRDPNVKLPNGRDTPALFNFTTQELSSNPPLATILIPPHARIQAAASTPTN
;
A,B
2 'polypeptide(L)' MADDPHRLLQQLVLSGNLIKEAVRRLHSRRLQ X,Y
#
loop_
_chem_comp.id
_chem_comp.type
_chem_comp.name
_chem_comp.formula
GOL non-polymer GLYCEROL 'C3 H8 O3'
SO4 non-polymer 'SULFATE ION' 'O4 S -2'
ZRK non-polymer 2-(4-PYRIDINYL)FURO[3,2-C]PYRIDIN-4(5H)-ONE 'C12 H8 N2 O2'
#
# COMPACT_ATOMS: atom_id res chain seq x y z
N LYS A 14 -45.49 -14.54 -24.48
CA LYS A 14 -45.78 -16.00 -24.46
C LYS A 14 -44.91 -16.74 -23.44
N VAL A 15 -45.20 -18.03 -23.26
CA VAL A 15 -44.30 -18.94 -22.56
C VAL A 15 -43.46 -19.63 -23.63
N THR A 16 -42.16 -19.38 -23.62
CA THR A 16 -41.25 -19.99 -24.58
C THR A 16 -40.60 -21.22 -23.95
N THR A 17 -40.71 -22.34 -24.65
CA THR A 17 -40.06 -23.58 -24.21
C THR A 17 -39.00 -24.00 -25.22
N VAL A 18 -37.82 -24.28 -24.70
CA VAL A 18 -36.69 -24.70 -25.52
C VAL A 18 -36.01 -25.91 -24.89
N VAL A 19 -35.19 -26.60 -25.68
CA VAL A 19 -34.29 -27.61 -25.16
C VAL A 19 -32.93 -26.95 -25.00
N ALA A 20 -32.44 -26.89 -23.77
CA ALA A 20 -31.20 -26.19 -23.45
C ALA A 20 -30.26 -27.03 -22.60
N THR A 21 -28.96 -26.86 -22.84
CA THR A 21 -27.93 -27.59 -22.12
C THR A 21 -27.43 -26.74 -20.94
N PRO A 22 -27.36 -27.34 -19.73
CA PRO A 22 -26.77 -26.67 -18.58
C PRO A 22 -25.35 -26.19 -18.86
N GLY A 23 -25.07 -24.92 -18.53
CA GLY A 23 -23.74 -24.33 -18.73
C GLY A 23 -22.67 -25.05 -17.93
N GLN A 24 -23.07 -25.52 -16.74
N GLN A 24 -23.06 -25.52 -16.74
CA GLN A 24 -22.24 -26.33 -15.86
CA GLN A 24 -22.19 -26.31 -15.87
C GLN A 24 -21.73 -27.62 -16.50
C GLN A 24 -21.72 -27.63 -16.49
N GLY A 25 -22.65 -28.35 -17.11
CA GLY A 25 -22.46 -29.77 -17.41
C GLY A 25 -23.20 -30.40 -16.23
N PRO A 26 -24.08 -31.38 -16.48
CA PRO A 26 -24.23 -32.47 -17.44
C PRO A 26 -23.04 -32.78 -18.40
N ASP A 27 -23.14 -32.63 -19.73
CA ASP A 27 -24.06 -31.77 -20.48
C ASP A 27 -25.21 -32.51 -21.20
N ARG A 28 -26.32 -32.68 -20.49
CA ARG A 28 -27.49 -33.37 -21.02
C ARG A 28 -28.64 -32.39 -21.17
N PRO A 29 -29.18 -32.26 -22.39
CA PRO A 29 -30.23 -31.29 -22.69
C PRO A 29 -31.49 -31.52 -21.87
N GLN A 30 -32.23 -30.45 -21.63
CA GLN A 30 -33.47 -30.50 -20.86
C GLN A 30 -34.39 -29.37 -21.29
N GLU A 31 -35.69 -29.54 -21.04
CA GLU A 31 -36.67 -28.52 -21.40
C GLU A 31 -36.64 -27.37 -20.41
N VAL A 32 -36.48 -26.17 -20.94
CA VAL A 32 -36.45 -24.95 -20.14
C VAL A 32 -37.50 -23.99 -20.68
N SER A 33 -38.34 -23.50 -19.78
CA SER A 33 -39.41 -22.57 -20.13
C SER A 33 -39.19 -21.20 -19.49
N TYR A 34 -39.41 -20.15 -20.27
CA TYR A 34 -39.28 -18.79 -19.79
C TYR A 34 -40.34 -17.85 -20.36
N THR A 35 -40.63 -16.78 -19.63
CA THR A 35 -41.65 -15.80 -20.03
C THR A 35 -41.21 -14.36 -19.71
N ASP A 36 -42.08 -13.39 -19.98
CA ASP A 36 -41.80 -11.97 -19.78
C ASP A 36 -40.60 -11.47 -20.58
N THR A 37 -40.44 -12.02 -21.78
CA THR A 37 -39.32 -11.70 -22.65
C THR A 37 -39.36 -10.24 -23.08
N LYS A 38 -38.22 -9.57 -22.92
CA LYS A 38 -38.09 -8.13 -23.14
C LYS A 38 -36.69 -7.83 -23.64
N VAL A 39 -36.58 -7.01 -24.69
CA VAL A 39 -35.28 -6.59 -25.22
C VAL A 39 -34.68 -5.51 -24.32
N ILE A 40 -33.48 -5.78 -23.79
CA ILE A 40 -32.77 -4.85 -22.91
C ILE A 40 -31.43 -4.38 -23.47
N GLY A 41 -31.06 -4.90 -24.64
CA GLY A 41 -29.78 -4.56 -25.27
C GLY A 41 -29.70 -5.04 -26.72
N ASN A 42 -29.09 -4.22 -27.56
CA ASN A 42 -28.90 -4.54 -28.97
C ASN A 42 -27.64 -3.87 -29.48
N GLY A 43 -26.81 -4.64 -30.19
CA GLY A 43 -25.57 -4.13 -30.78
C GLY A 43 -25.15 -4.97 -31.97
N SER A 44 -23.94 -4.74 -32.45
CA SER A 44 -23.39 -5.53 -33.57
C SER A 44 -23.11 -6.97 -33.12
N PHE A 45 -22.86 -7.14 -31.81
CA PHE A 45 -22.65 -8.45 -31.22
C PHE A 45 -23.89 -9.34 -31.33
N GLY A 46 -25.07 -8.73 -31.15
CA GLY A 46 -26.33 -9.44 -31.10
C GLY A 46 -27.33 -8.76 -30.17
N VAL A 47 -28.25 -9.54 -29.63
CA VAL A 47 -29.35 -9.01 -28.82
C VAL A 47 -29.33 -9.62 -27.43
N VAL A 48 -29.59 -8.81 -26.41
CA VAL A 48 -29.76 -9.32 -25.05
C VAL A 48 -31.19 -9.12 -24.58
N TYR A 49 -31.82 -10.21 -24.13
CA TYR A 49 -33.17 -10.19 -23.63
C TYR A 49 -33.17 -10.34 -22.13
N GLN A 50 -34.26 -9.91 -21.50
CA GLN A 50 -34.53 -10.23 -20.12
C GLN A 50 -35.75 -11.13 -20.08
N ALA A 51 -35.69 -12.17 -19.26
CA ALA A 51 -36.76 -13.14 -19.18
C ALA A 51 -36.91 -13.68 -17.76
N LYS A 52 -37.98 -14.44 -17.55
CA LYS A 52 -38.32 -15.00 -16.25
C LYS A 52 -38.54 -16.51 -16.41
N LEU A 53 -37.79 -17.29 -15.64
CA LEU A 53 -37.90 -18.75 -15.68
C LEU A 53 -39.20 -19.21 -15.01
N CYS A 54 -39.86 -20.18 -15.62
CA CYS A 54 -41.22 -20.56 -15.22
C CYS A 54 -41.32 -21.28 -13.88
N ASP A 55 -40.38 -22.17 -13.59
CA ASP A 55 -40.40 -22.94 -12.34
C ASP A 55 -39.78 -22.19 -11.15
N SER A 56 -38.80 -21.35 -11.45
CA SER A 56 -38.08 -20.60 -10.41
C SER A 56 -38.68 -19.22 -10.16
N GLY A 57 -39.12 -18.58 -11.23
CA GLY A 57 -39.49 -17.16 -11.19
C GLY A 57 -38.26 -16.28 -11.30
N GLU A 58 -37.08 -16.91 -11.20
CA GLU A 58 -35.80 -16.23 -11.28
C GLU A 58 -35.64 -15.51 -12.62
N LEU A 59 -35.16 -14.28 -12.55
CA LEU A 59 -34.88 -13.50 -13.75
C LEU A 59 -33.57 -13.96 -14.37
N VAL A 60 -33.51 -13.88 -15.69
CA VAL A 60 -32.33 -14.24 -16.44
C VAL A 60 -32.14 -13.24 -17.58
N ALA A 61 -30.91 -13.15 -18.07
CA ALA A 61 -30.62 -12.44 -19.29
C ALA A 61 -30.32 -13.51 -20.34
N ILE A 62 -30.74 -13.26 -21.57
CA ILE A 62 -30.46 -14.16 -22.67
C ILE A 62 -29.72 -13.40 -23.76
N LYS A 63 -28.49 -13.80 -24.02
CA LYS A 63 -27.67 -13.19 -25.04
C LYS A 63 -27.72 -14.03 -26.31
N LYS A 64 -28.33 -13.46 -27.35
CA LYS A 64 -28.49 -14.12 -28.64
C LYS A 64 -27.45 -13.60 -29.63
N VAL A 65 -26.59 -14.52 -30.08
CA VAL A 65 -25.52 -14.18 -31.02
C VAL A 65 -25.62 -15.07 -32.26
N LEU A 66 -25.46 -14.46 -33.44
CA LEU A 66 -25.38 -15.20 -34.69
C LEU A 66 -24.11 -16.05 -34.70
N GLN A 67 -24.26 -17.34 -34.97
CA GLN A 67 -23.15 -18.28 -34.89
C GLN A 67 -22.74 -18.82 -36.25
N ASP A 68 -21.42 -18.86 -36.50
CA ASP A 68 -20.87 -19.55 -37.66
C ASP A 68 -21.01 -21.06 -37.39
N LYS A 69 -21.97 -21.68 -38.07
CA LYS A 69 -22.43 -23.04 -37.73
C LYS A 69 -21.39 -24.17 -37.85
N ARG A 70 -20.37 -23.98 -38.70
CA ARG A 70 -19.30 -24.97 -38.84
C ARG A 70 -18.05 -24.57 -38.05
N PHE A 71 -18.27 -23.80 -36.98
CA PHE A 71 -17.22 -23.33 -36.08
C PHE A 71 -17.71 -23.41 -34.64
N LYS A 72 -16.80 -23.29 -33.69
CA LYS A 72 -17.16 -23.23 -32.27
C LYS A 72 -17.16 -21.80 -31.74
N ASN A 73 -18.02 -21.53 -30.75
CA ASN A 73 -18.07 -20.22 -30.13
C ASN A 73 -17.07 -20.11 -28.98
N ARG A 74 -16.17 -19.13 -29.08
CA ARG A 74 -15.14 -18.88 -28.08
C ARG A 74 -15.75 -18.51 -26.72
N GLU A 75 -16.76 -17.63 -26.77
CA GLU A 75 -17.44 -17.17 -25.56
C GLU A 75 -18.11 -18.31 -24.82
N LEU A 76 -18.79 -19.18 -25.56
CA LEU A 76 -19.40 -20.38 -24.98
C LEU A 76 -18.37 -21.28 -24.30
N GLN A 77 -17.30 -21.63 -25.02
N GLN A 77 -17.32 -21.66 -25.03
CA GLN A 77 -16.26 -22.50 -24.50
CA GLN A 77 -16.26 -22.51 -24.48
C GLN A 77 -15.60 -21.94 -23.24
C GLN A 77 -15.68 -21.93 -23.19
N ILE A 78 -15.44 -20.62 -23.20
CA ILE A 78 -14.93 -19.91 -22.02
C ILE A 78 -15.97 -19.94 -20.90
N MET A 79 -17.21 -19.55 -21.19
CA MET A 79 -18.27 -19.45 -20.18
C MET A 79 -18.54 -20.77 -19.47
N ARG A 80 -18.42 -21.88 -20.20
CA ARG A 80 -18.63 -23.22 -19.64
C ARG A 80 -17.59 -23.62 -18.60
N LYS A 81 -16.41 -23.03 -18.69
CA LYS A 81 -15.30 -23.35 -17.77
C LYS A 81 -15.41 -22.64 -16.43
N LEU A 82 -16.19 -21.55 -16.40
CA LEU A 82 -16.15 -20.62 -15.29
C LEU A 82 -17.25 -20.85 -14.27
N ASP A 83 -16.86 -20.83 -13.00
CA ASP A 83 -17.81 -20.87 -11.90
C ASP A 83 -17.23 -20.06 -10.75
N HIS A 84 -17.72 -18.84 -10.61
CA HIS A 84 -17.16 -17.87 -9.66
C HIS A 84 -18.22 -16.84 -9.26
N CYS A 85 -18.26 -16.53 -7.97
CA CYS A 85 -19.23 -15.58 -7.42
C CYS A 85 -19.13 -14.15 -7.99
N ASN A 86 -18.00 -13.83 -8.61
CA ASN A 86 -17.81 -12.52 -9.26
C ASN A 86 -17.80 -12.57 -10.80
N ILE A 87 -18.31 -13.67 -11.34
CA ILE A 87 -18.53 -13.79 -12.77
C ILE A 87 -19.97 -14.19 -13.04
N VAL A 88 -20.59 -13.52 -14.00
CA VAL A 88 -21.96 -13.83 -14.43
C VAL A 88 -22.08 -15.33 -14.74
N ARG A 89 -23.06 -15.99 -14.11
CA ARG A 89 -23.20 -17.44 -14.27
C ARG A 89 -23.96 -17.81 -15.54
N LEU A 90 -23.37 -18.69 -16.34
CA LEU A 90 -24.05 -19.31 -17.47
C LEU A 90 -24.94 -20.44 -16.96
N ARG A 91 -26.25 -20.18 -16.94
CA ARG A 91 -27.24 -21.16 -16.49
C ARG A 91 -27.49 -22.23 -17.55
N TYR A 92 -27.83 -21.78 -18.76
CA TYR A 92 -28.07 -22.67 -19.88
C TYR A 92 -27.57 -22.06 -21.17
N PHE A 93 -27.40 -22.90 -22.19
CA PHE A 93 -27.22 -22.42 -23.56
C PHE A 93 -28.05 -23.25 -24.53
N PHE A 94 -28.60 -22.60 -25.55
CA PHE A 94 -29.37 -23.28 -26.58
C PHE A 94 -29.24 -22.64 -27.96
N TYR A 95 -29.54 -23.40 -28.99
CA TYR A 95 -29.43 -22.92 -30.37
C TYR A 95 -30.80 -22.74 -31.02
N SER A 96 -30.83 -21.87 -32.04
CA SER A 96 -31.99 -21.53 -32.87
C SER A 96 -31.42 -20.59 -33.92
N SER A 97 -32.12 -20.14 -34.97
CA SER A 97 -33.12 -20.83 -35.80
C SER A 97 -34.03 -19.82 -36.51
N LYS A 100 -35.14 -16.35 -42.18
CA LYS A 100 -33.70 -16.51 -42.32
C LYS A 100 -33.32 -17.94 -42.73
N LYS A 101 -34.13 -18.90 -42.28
CA LYS A 101 -34.00 -20.33 -42.62
C LYS A 101 -32.75 -21.02 -42.04
N ASP A 102 -31.63 -20.97 -42.76
CA ASP A 102 -30.43 -21.74 -42.42
C ASP A 102 -29.49 -21.04 -41.42
N GLU A 103 -29.92 -19.93 -40.84
CA GLU A 103 -29.13 -19.20 -39.85
C GLU A 103 -29.21 -19.82 -38.47
N VAL A 104 -28.09 -19.83 -37.75
CA VAL A 104 -28.04 -20.35 -36.39
C VAL A 104 -27.64 -19.25 -35.40
N TYR A 105 -28.41 -19.14 -34.32
CA TYR A 105 -28.12 -18.26 -33.20
C TYR A 105 -27.79 -19.06 -31.94
N LEU A 106 -26.70 -18.69 -31.27
CA LEU A 106 -26.39 -19.23 -29.95
C LEU A 106 -27.03 -18.35 -28.87
N ASN A 107 -27.73 -18.98 -27.94
CA ASN A 107 -28.38 -18.28 -26.84
C ASN A 107 -27.72 -18.63 -25.52
N LEU A 108 -27.14 -17.62 -24.89
CA LEU A 108 -26.54 -17.74 -23.58
C LEU A 108 -27.55 -17.26 -22.55
N VAL A 109 -27.95 -18.16 -21.66
CA VAL A 109 -28.88 -17.83 -20.60
C VAL A 109 -28.07 -17.54 -19.35
N LEU A 110 -28.13 -16.29 -18.88
CA LEU A 110 -27.32 -15.84 -17.75
C LEU A 110 -28.20 -15.34 -16.62
N ASP A 111 -27.71 -15.46 -15.38
CA ASP A 111 -28.38 -14.82 -14.24
C ASP A 111 -28.51 -13.31 -14.49
N TYR A 112 -29.72 -12.78 -14.32
CA TYR A 112 -29.95 -11.34 -14.49
C TYR A 112 -29.39 -10.55 -13.32
N VAL A 113 -28.76 -9.43 -13.63
CA VAL A 113 -28.25 -8.50 -12.62
C VAL A 113 -28.66 -7.11 -13.11
N PRO A 114 -29.38 -6.34 -12.26
CA PRO A 114 -30.10 -5.15 -12.77
C PRO A 114 -29.25 -3.91 -13.07
N GLU A 115 -28.10 -3.78 -12.42
CA GLU A 115 -27.32 -2.55 -12.60
C GLU A 115 -25.88 -2.82 -13.05
N THR A 116 -25.20 -1.76 -13.48
CA THR A 116 -23.79 -1.82 -13.87
C THR A 116 -23.00 -0.74 -13.13
N VAL A 117 -21.71 -1.00 -12.93
CA VAL A 117 -20.78 0.01 -12.38
C VAL A 117 -20.90 1.31 -13.18
N TYR A 118 -21.05 1.19 -14.50
CA TYR A 118 -21.28 2.34 -15.38
C TYR A 118 -22.48 3.20 -14.93
N ARG A 119 -23.65 2.57 -14.79
N ARG A 119 -23.64 2.55 -14.82
CA ARG A 119 -24.87 3.31 -14.48
CA ARG A 119 -24.90 3.23 -14.45
C ARG A 119 -24.88 3.90 -13.05
C ARG A 119 -24.80 3.92 -13.09
N VAL A 120 -24.26 3.20 -12.11
CA VAL A 120 -24.09 3.70 -10.73
C VAL A 120 -23.11 4.89 -10.69
N ALA A 121 -21.95 4.75 -11.32
CA ALA A 121 -20.97 5.82 -11.38
C ALA A 121 -21.50 7.05 -12.11
N ARG A 122 -22.25 6.82 -13.18
CA ARG A 122 -22.88 7.89 -13.96
C ARG A 122 -23.86 8.69 -13.11
N HIS A 123 -24.57 7.99 -12.21
CA HIS A 123 -25.52 8.62 -11.31
C HIS A 123 -24.85 9.64 -10.39
N TYR A 124 -23.80 9.21 -9.70
CA TYR A 124 -23.00 10.11 -8.86
C TYR A 124 -22.36 11.22 -9.68
N SER A 125 -21.85 10.87 -10.86
CA SER A 125 -21.19 11.83 -11.75
C SER A 125 -22.13 12.95 -12.17
N ARG A 126 -23.36 12.58 -12.54
CA ARG A 126 -24.39 13.55 -12.92
C ARG A 126 -24.87 14.39 -11.73
N ALA A 127 -24.77 13.81 -10.53
CA ALA A 127 -25.07 14.51 -9.28
C ALA A 127 -23.87 15.32 -8.80
N LYS A 128 -22.83 15.38 -9.62
CA LYS A 128 -21.59 16.13 -9.35
C LYS A 128 -20.87 15.74 -8.06
N GLN A 129 -20.94 14.45 -7.72
CA GLN A 129 -20.28 13.92 -6.52
C GLN A 129 -19.59 12.60 -6.79
N THR A 130 -18.61 12.28 -5.94
CA THR A 130 -17.81 11.06 -6.12
C THR A 130 -18.41 9.86 -5.40
N LEU A 131 -18.30 8.68 -6.03
CA LEU A 131 -18.74 7.43 -5.42
C LEU A 131 -18.02 7.24 -4.07
N PRO A 132 -18.79 6.90 -3.01
CA PRO A 132 -18.20 6.62 -1.70
C PRO A 132 -17.04 5.64 -1.78
N VAL A 133 -15.95 5.97 -1.08
CA VAL A 133 -14.69 5.21 -1.16
C VAL A 133 -14.89 3.72 -0.87
N ILE A 134 -15.81 3.39 0.03
CA ILE A 134 -16.08 1.99 0.39
C ILE A 134 -16.53 1.14 -0.81
N TYR A 135 -17.36 1.74 -1.68
CA TYR A 135 -17.79 1.09 -2.91
C TYR A 135 -16.66 0.91 -3.91
N VAL A 136 -15.77 1.91 -3.97
CA VAL A 136 -14.59 1.87 -4.83
C VAL A 136 -13.74 0.68 -4.43
N LYS A 137 -13.57 0.49 -3.11
CA LYS A 137 -12.86 -0.67 -2.60
C LYS A 137 -13.61 -1.95 -2.95
N LEU A 138 -14.92 -1.96 -2.70
CA LEU A 138 -15.75 -3.16 -2.92
C LEU A 138 -15.78 -3.64 -4.36
N TYR A 139 -16.08 -2.73 -5.29
CA TYR A 139 -16.19 -3.07 -6.72
C TYR A 139 -14.85 -3.47 -7.33
N MET A 140 -13.79 -2.70 -7.03
CA MET A 140 -12.47 -2.96 -7.58
C MET A 140 -11.87 -4.27 -7.10
N TYR A 141 -12.07 -4.57 -5.81
CA TYR A 141 -11.60 -5.82 -5.21
C TYR A 141 -12.28 -7.02 -5.86
N GLN A 142 -13.59 -6.91 -6.07
CA GLN A 142 -14.36 -7.97 -6.73
C GLN A 142 -13.95 -8.10 -8.20
N LEU A 143 -13.69 -6.97 -8.85
CA LEU A 143 -13.11 -6.97 -10.19
C LEU A 143 -11.77 -7.73 -10.23
N PHE A 144 -10.86 -7.42 -9.33
CA PHE A 144 -9.55 -8.09 -9.31
C PHE A 144 -9.68 -9.60 -9.05
N ARG A 145 -10.59 -9.99 -8.17
CA ARG A 145 -10.89 -11.41 -7.94
C ARG A 145 -11.32 -12.15 -9.19
N SER A 146 -12.23 -11.54 -9.95
CA SER A 146 -12.75 -12.14 -11.17
C SER A 146 -11.61 -12.32 -12.18
N LEU A 147 -10.71 -11.34 -12.21
CA LEU A 147 -9.53 -11.37 -13.06
C LEU A 147 -8.52 -12.41 -12.61
N ALA A 148 -8.29 -12.50 -11.29
CA ALA A 148 -7.43 -13.54 -10.73
C ALA A 148 -7.93 -14.91 -11.19
N TYR A 149 -9.24 -15.10 -11.13
CA TYR A 149 -9.88 -16.35 -11.52
C TYR A 149 -9.66 -16.70 -12.99
N ILE A 150 -10.05 -15.80 -13.90
CA ILE A 150 -9.99 -16.10 -15.33
C ILE A 150 -8.58 -16.15 -15.87
N HIS A 151 -7.67 -15.37 -15.28
CA HIS A 151 -6.28 -15.37 -15.69
C HIS A 151 -5.58 -16.69 -15.34
N SER A 152 -6.04 -17.33 -14.27
CA SER A 152 -5.49 -18.62 -13.84
C SER A 152 -5.75 -19.75 -14.84
N PHE A 153 -6.73 -19.53 -15.72
CA PHE A 153 -7.01 -20.44 -16.84
C PHE A 153 -6.25 -20.00 -18.08
N GLY A 154 -5.65 -18.81 -18.03
CA GLY A 154 -5.01 -18.22 -19.20
C GLY A 154 -6.00 -17.43 -20.05
N ILE A 155 -7.21 -17.26 -19.54
CA ILE A 155 -8.25 -16.49 -20.23
C ILE A 155 -8.10 -15.00 -19.91
N CYS A 156 -8.02 -14.22 -20.98
CA CYS A 156 -7.95 -12.77 -20.90
C CYS A 156 -9.28 -12.23 -21.43
N HIS A 157 -9.92 -11.36 -20.67
CA HIS A 157 -11.22 -10.80 -20.98
C HIS A 157 -11.18 -9.90 -22.22
N ARG A 158 -10.24 -8.95 -22.21
CA ARG A 158 -9.97 -8.06 -23.35
C ARG A 158 -11.02 -6.99 -23.58
N ASP A 159 -11.95 -6.82 -22.64
CA ASP A 159 -12.96 -5.76 -22.74
C ASP A 159 -13.43 -5.30 -21.35
N ILE A 160 -12.48 -5.09 -20.45
CA ILE A 160 -12.79 -4.59 -19.12
C ILE A 160 -13.14 -3.10 -19.21
N LYS A 161 -14.37 -2.79 -18.80
CA LYS A 161 -14.90 -1.44 -18.76
C LYS A 161 -16.10 -1.42 -17.81
N PRO A 162 -16.53 -0.23 -17.34
CA PRO A 162 -17.59 -0.17 -16.32
C PRO A 162 -18.91 -0.78 -16.78
N GLN A 163 -19.18 -0.69 -18.08
CA GLN A 163 -20.40 -1.26 -18.68
C GLN A 163 -20.47 -2.79 -18.57
N ASN A 164 -19.30 -3.45 -18.49
CA ASN A 164 -19.23 -4.91 -18.37
C ASN A 164 -19.13 -5.41 -16.94
N LEU A 165 -19.37 -4.51 -16.00
CA LEU A 165 -19.32 -4.86 -14.58
C LEU A 165 -20.72 -4.73 -13.98
N LEU A 166 -21.37 -5.86 -13.76
CA LEU A 166 -22.74 -5.88 -13.27
C LEU A 166 -22.78 -5.72 -11.77
N LEU A 167 -23.83 -5.08 -11.27
CA LEU A 167 -23.99 -4.80 -9.85
C LEU A 167 -25.37 -5.19 -9.32
N ASP A 168 -25.38 -5.94 -8.23
CA ASP A 168 -26.58 -6.11 -7.43
C ASP A 168 -26.57 -4.95 -6.43
N PRO A 169 -27.46 -3.95 -6.65
CA PRO A 169 -27.42 -2.71 -5.86
C PRO A 169 -27.63 -2.92 -4.35
N ASP A 170 -28.45 -3.91 -3.99
CA ASP A 170 -28.72 -4.21 -2.59
C ASP A 170 -27.50 -4.84 -1.91
N THR A 171 -26.98 -5.92 -2.51
CA THR A 171 -25.87 -6.68 -1.90
C THR A 171 -24.47 -6.15 -2.23
N ALA A 172 -24.38 -5.28 -3.24
CA ALA A 172 -23.11 -4.77 -3.75
C ALA A 172 -22.19 -5.87 -4.32
N VAL A 173 -22.80 -6.95 -4.81
CA VAL A 173 -22.07 -8.00 -5.52
C VAL A 173 -21.75 -7.50 -6.93
N LEU A 174 -20.51 -7.70 -7.36
CA LEU A 174 -20.09 -7.38 -8.72
C LEU A 174 -19.86 -8.67 -9.50
N LYS A 175 -20.39 -8.71 -10.72
CA LYS A 175 -20.17 -9.83 -11.63
C LYS A 175 -19.65 -9.35 -12.98
N LEU A 176 -18.48 -9.87 -13.36
CA LEU A 176 -17.91 -9.59 -14.67
C LEU A 176 -18.77 -10.26 -15.74
N CYS A 177 -19.08 -9.52 -16.80
CA CYS A 177 -19.85 -10.10 -17.91
C CYS A 177 -19.22 -9.80 -19.27
N ASP A 178 -19.88 -10.30 -20.32
CA ASP A 178 -19.52 -10.06 -21.72
C ASP A 178 -18.16 -10.61 -22.09
N PHE A 179 -18.12 -11.92 -22.32
CA PHE A 179 -16.91 -12.61 -22.71
C PHE A 179 -16.78 -12.76 -24.23
N GLY A 180 -17.44 -11.88 -24.97
CA GLY A 180 -17.39 -11.92 -26.44
C GLY A 180 -16.10 -11.47 -27.08
N SER A 181 -15.20 -10.91 -26.27
CA SER A 181 -13.88 -10.48 -26.72
C SER A 181 -12.81 -11.34 -26.08
N ALA A 182 -13.23 -12.19 -25.13
CA ALA A 182 -12.30 -12.98 -24.35
C ALA A 182 -11.58 -14.03 -25.19
N LYS A 183 -10.36 -14.37 -24.77
CA LYS A 183 -9.55 -15.37 -25.45
C LYS A 183 -8.61 -16.05 -24.47
N GLN A 184 -8.42 -17.34 -24.66
CA GLN A 184 -7.39 -18.09 -23.96
C GLN A 184 -6.07 -17.78 -24.67
N LEU A 185 -5.19 -17.04 -24.00
CA LEU A 185 -3.95 -16.60 -24.62
C LEU A 185 -2.86 -17.67 -24.53
N VAL A 186 -2.27 -17.98 -25.68
CA VAL A 186 -1.13 -18.89 -25.76
C VAL A 186 0.09 -18.12 -26.26
N ARG A 187 1.15 -18.09 -25.44
CA ARG A 187 2.42 -17.46 -25.82
C ARG A 187 2.97 -18.02 -27.14
N GLY A 188 3.42 -17.12 -28.01
CA GLY A 188 3.89 -17.50 -29.33
C GLY A 188 2.82 -17.36 -30.41
N GLU A 189 1.56 -17.52 -30.02
CA GLU A 189 0.43 -17.39 -30.94
C GLU A 189 -0.12 -15.96 -30.91
N PRO A 190 -0.04 -15.24 -32.05
CA PRO A 190 -0.42 -13.83 -32.10
C PRO A 190 -1.91 -13.57 -31.85
N ASN A 191 -2.19 -12.39 -31.30
CA ASN A 191 -3.54 -11.97 -30.97
C ASN A 191 -3.81 -10.63 -31.59
N VAL A 192 -5.05 -10.37 -31.97
CA VAL A 192 -5.41 -9.09 -32.62
C VAL A 192 -5.09 -7.91 -31.69
N SER A 193 -4.56 -6.83 -32.27
CA SER A 193 -4.17 -5.66 -31.49
C SER A 193 -5.33 -4.68 -31.28
N PTR A 194 -6.17 -4.50 -32.30
CA PTR A 194 -7.33 -3.61 -32.18
C PTR A 194 -8.42 -4.30 -31.35
O PTR A 194 -9.31 -4.95 -31.90
CB PTR A 194 -7.90 -3.11 -33.50
CG PTR A 194 -8.89 -1.96 -33.34
CD1 PTR A 194 -8.46 -0.68 -32.95
CD2 PTR A 194 -10.25 -2.14 -33.59
CE1 PTR A 194 -9.35 0.37 -32.82
CE2 PTR A 194 -11.16 -1.10 -33.45
CZ PTR A 194 -10.71 0.16 -33.05
OH PTR A 194 -11.54 1.08 -32.96
P PTR A 194 -11.65 2.20 -31.79
O1P PTR A 194 -12.10 1.52 -30.55
O2P PTR A 194 -12.72 3.24 -32.22
O3P PTR A 194 -10.34 2.97 -31.55
N ILE A 195 -8.31 -4.18 -30.04
CA ILE A 195 -9.19 -4.87 -29.12
C ILE A 195 -9.34 -3.97 -27.87
N CYS A 196 -10.39 -4.22 -27.09
N CYS A 196 -10.35 -4.24 -27.05
CA CYS A 196 -10.73 -3.43 -25.90
CA CYS A 196 -10.72 -3.40 -25.90
C CYS A 196 -11.33 -2.08 -26.28
C CYS A 196 -11.43 -2.12 -26.36
N SER A 197 -12.33 -1.63 -25.51
CA SER A 197 -12.93 -0.32 -25.70
C SER A 197 -11.85 0.74 -25.50
N ARG A 198 -11.84 1.73 -26.38
CA ARG A 198 -10.74 2.68 -26.51
C ARG A 198 -10.22 3.28 -25.20
N TYR A 199 -11.12 3.79 -24.37
CA TYR A 199 -10.73 4.48 -23.12
C TYR A 199 -9.93 3.57 -22.16
N TYR A 200 -10.11 2.27 -22.30
CA TYR A 200 -9.57 1.26 -21.36
C TYR A 200 -8.48 0.41 -22.01
N ARG A 201 -8.15 0.75 -23.26
CA ARG A 201 -7.18 0.00 -24.07
C ARG A 201 -5.74 0.24 -23.59
N ALA A 202 -5.05 -0.85 -23.24
CA ALA A 202 -3.65 -0.80 -22.79
C ALA A 202 -2.74 -0.21 -23.87
N PRO A 203 -1.68 0.53 -23.45
CA PRO A 203 -0.82 1.20 -24.43
C PRO A 203 -0.13 0.26 -25.40
N GLU A 204 0.27 -0.93 -24.94
CA GLU A 204 0.90 -1.91 -25.82
C GLU A 204 0.00 -2.26 -27.02
N LEU A 205 -1.32 -2.24 -26.80
CA LEU A 205 -2.30 -2.51 -27.87
C LEU A 205 -2.31 -1.40 -28.91
N ILE A 206 -2.16 -0.16 -28.46
CA ILE A 206 -2.06 1.01 -29.33
C ILE A 206 -0.76 0.97 -30.14
N PHE A 207 0.30 0.45 -29.54
CA PHE A 207 1.57 0.27 -30.23
C PHE A 207 1.58 -0.93 -31.18
N GLY A 208 0.47 -1.66 -31.23
CA GLY A 208 0.30 -2.75 -32.19
C GLY A 208 0.78 -4.12 -31.75
N ALA A 209 0.93 -4.32 -30.44
CA ALA A 209 1.41 -5.58 -29.89
C ALA A 209 0.46 -6.73 -30.22
N THR A 210 1.04 -7.87 -30.59
CA THR A 210 0.27 -9.08 -30.87
C THR A 210 0.66 -10.18 -29.90
N ASP A 211 1.70 -9.92 -29.11
CA ASP A 211 2.23 -10.87 -28.14
C ASP A 211 1.91 -10.46 -26.69
N TYR A 212 0.86 -9.66 -26.54
CA TYR A 212 0.45 -9.18 -25.21
C TYR A 212 -0.10 -10.30 -24.32
N THR A 213 -0.32 -9.95 -23.05
CA THR A 213 -0.70 -10.89 -22.01
C THR A 213 -1.99 -10.45 -21.33
N SER A 214 -2.39 -11.21 -20.31
CA SER A 214 -3.54 -10.87 -19.48
C SER A 214 -3.40 -9.54 -18.73
N SER A 215 -2.18 -8.99 -18.68
CA SER A 215 -1.93 -7.72 -17.99
C SER A 215 -2.61 -6.52 -18.66
N ILE A 216 -3.11 -6.69 -19.89
CA ILE A 216 -3.95 -5.67 -20.52
C ILE A 216 -5.27 -5.44 -19.76
N ASP A 217 -5.77 -6.48 -19.09
CA ASP A 217 -6.96 -6.42 -18.23
C ASP A 217 -6.70 -5.61 -16.96
N VAL A 218 -5.48 -5.73 -16.43
CA VAL A 218 -5.04 -4.96 -15.27
C VAL A 218 -4.94 -3.48 -15.62
N TRP A 219 -4.42 -3.17 -16.81
CA TRP A 219 -4.42 -1.78 -17.28
C TRP A 219 -5.84 -1.24 -17.32
N SER A 220 -6.76 -2.01 -17.90
CA SER A 220 -8.14 -1.61 -18.04
C SER A 220 -8.81 -1.46 -16.67
N ALA A 221 -8.47 -2.35 -15.75
CA ALA A 221 -8.92 -2.27 -14.36
C ALA A 221 -8.42 -0.98 -13.68
N GLY A 222 -7.18 -0.60 -13.98
CA GLY A 222 -6.61 0.65 -13.49
C GLY A 222 -7.36 1.86 -14.00
N CYS A 223 -7.81 1.79 -15.24
CA CYS A 223 -8.61 2.85 -15.86
C CYS A 223 -9.98 3.00 -15.20
N VAL A 224 -10.57 1.86 -14.83
CA VAL A 224 -11.85 1.83 -14.13
C VAL A 224 -11.68 2.48 -12.74
N LEU A 225 -10.68 2.01 -11.99
CA LEU A 225 -10.32 2.61 -10.70
C LEU A 225 -10.21 4.13 -10.81
N ALA A 226 -9.34 4.60 -11.70
CA ALA A 226 -9.12 6.04 -11.90
C ALA A 226 -10.42 6.77 -12.21
N GLU A 227 -11.25 6.16 -13.05
CA GLU A 227 -12.56 6.72 -13.42
C GLU A 227 -13.46 6.84 -12.20
N LEU A 228 -13.48 5.83 -11.33
CA LEU A 228 -14.26 5.89 -10.10
C LEU A 228 -13.79 7.02 -9.19
N LEU A 229 -12.50 7.32 -9.22
CA LEU A 229 -11.92 8.40 -8.43
C LEU A 229 -12.17 9.77 -9.03
N LEU A 230 -12.15 9.86 -10.36
CA LEU A 230 -12.30 11.13 -11.06
C LEU A 230 -13.74 11.55 -11.32
N GLY A 231 -14.64 10.59 -11.40
CA GLY A 231 -16.02 10.85 -11.81
C GLY A 231 -16.14 10.91 -13.34
N GLN A 232 -15.04 10.58 -14.03
CA GLN A 232 -14.97 10.56 -15.49
C GLN A 232 -13.75 9.76 -15.95
N PRO A 233 -13.79 9.20 -17.19
CA PRO A 233 -12.64 8.43 -17.70
C PRO A 233 -11.32 9.18 -17.59
N ILE A 234 -10.27 8.48 -17.20
CA ILE A 234 -8.95 9.10 -17.06
C ILE A 234 -8.33 9.42 -18.43
N PHE A 235 -8.56 8.55 -19.41
CA PHE A 235 -8.00 8.71 -20.75
C PHE A 235 -9.10 8.71 -21.84
N PRO A 236 -9.78 9.85 -22.02
CA PRO A 236 -10.88 9.92 -22.99
C PRO A 236 -10.43 10.23 -24.43
N GLY A 237 -9.74 9.29 -25.08
CA GLY A 237 -9.27 9.51 -26.44
C GLY A 237 -10.40 9.59 -27.46
N ASP A 238 -10.29 10.56 -28.36
CA ASP A 238 -11.26 10.74 -29.45
C ASP A 238 -10.97 9.81 -30.63
N SER A 239 -9.84 9.12 -30.56
CA SER A 239 -9.39 8.19 -31.60
C SER A 239 -8.23 7.37 -31.05
N GLY A 240 -7.73 6.43 -31.86
CA GLY A 240 -6.61 5.56 -31.49
C GLY A 240 -5.35 6.31 -31.09
N VAL A 241 -4.95 7.26 -31.94
CA VAL A 241 -3.78 8.10 -31.69
C VAL A 241 -3.99 9.02 -30.48
N ASP A 242 -5.17 9.65 -30.42
CA ASP A 242 -5.53 10.55 -29.32
C ASP A 242 -5.58 9.83 -27.98
N GLN A 243 -5.94 8.54 -28.00
CA GLN A 243 -5.85 7.69 -26.81
C GLN A 243 -4.43 7.70 -26.21
N LEU A 244 -3.41 7.58 -27.06
CA LEU A 244 -2.03 7.68 -26.60
C LEU A 244 -1.69 9.09 -26.13
N VAL A 245 -2.18 10.10 -26.85
CA VAL A 245 -2.02 11.50 -26.41
C VAL A 245 -2.50 11.64 -24.97
N GLU A 246 -3.68 11.09 -24.68
CA GLU A 246 -4.26 11.12 -23.33
C GLU A 246 -3.38 10.44 -22.29
N ILE A 247 -2.83 9.28 -22.66
CA ILE A 247 -1.95 8.52 -21.78
C ILE A 247 -0.65 9.29 -21.49
N ILE A 248 -0.08 9.90 -22.53
CA ILE A 248 1.16 10.67 -22.42
C ILE A 248 1.00 11.88 -21.50
N LYS A 249 -0.19 12.48 -21.50
CA LYS A 249 -0.47 13.60 -20.59
C LYS A 249 -0.25 13.25 -19.12
N VAL A 250 -0.46 11.99 -18.76
CA VAL A 250 -0.25 11.53 -17.40
C VAL A 250 1.10 10.82 -17.21
N LEU A 251 1.37 9.81 -18.04
CA LEU A 251 2.57 8.99 -17.87
C LEU A 251 3.82 9.58 -18.52
N GLY A 252 3.63 10.61 -19.36
CA GLY A 252 4.70 11.09 -20.21
C GLY A 252 4.98 10.05 -21.28
N THR A 253 6.10 10.22 -21.97
CA THR A 253 6.51 9.30 -23.02
C THR A 253 7.14 8.06 -22.42
N PRO A 254 7.01 6.90 -23.10
CA PRO A 254 7.72 5.70 -22.66
C PRO A 254 9.21 5.78 -22.95
N THR A 255 10.01 5.14 -22.11
CA THR A 255 11.44 5.00 -22.38
C THR A 255 11.57 3.99 -23.52
N ARG A 256 12.74 3.97 -24.15
N ARG A 256 12.73 3.96 -24.16
CA ARG A 256 13.04 2.97 -25.18
CA ARG A 256 13.04 2.97 -25.19
C ARG A 256 12.86 1.54 -24.67
C ARG A 256 12.85 1.54 -24.67
N GLU A 257 13.17 1.33 -23.39
CA GLU A 257 13.00 0.03 -22.74
C GLU A 257 11.51 -0.37 -22.55
N GLN A 258 10.69 0.60 -22.14
CA GLN A 258 9.24 0.39 -22.03
C GLN A 258 8.60 0.10 -23.38
N ILE A 259 9.07 0.77 -24.44
CA ILE A 259 8.59 0.51 -25.80
C ILE A 259 8.89 -0.94 -26.21
N ARG A 260 10.12 -1.39 -25.93
CA ARG A 260 10.53 -2.77 -26.24
C ARG A 260 9.67 -3.78 -25.47
N GLU A 261 9.41 -3.46 -24.21
CA GLU A 261 8.55 -4.28 -23.35
C GLU A 261 7.09 -4.33 -23.85
N MET A 262 6.60 -3.23 -24.41
CA MET A 262 5.23 -3.17 -24.94
C MET A 262 5.08 -3.88 -26.28
N ASN A 263 5.97 -3.57 -27.22
CA ASN A 263 5.97 -4.18 -28.54
C ASN A 263 7.40 -4.20 -29.10
N PRO A 264 8.06 -5.39 -29.06
CA PRO A 264 9.46 -5.52 -29.46
C PRO A 264 9.64 -5.26 -30.96
N ASN A 265 8.55 -5.41 -31.71
CA ASN A 265 8.57 -5.20 -33.15
C ASN A 265 8.37 -3.75 -33.56
N TYR A 266 8.18 -2.87 -32.58
CA TYR A 266 8.07 -1.45 -32.86
C TYR A 266 9.36 -0.71 -32.49
N THR A 267 9.80 0.19 -33.38
CA THR A 267 11.00 0.98 -33.17
C THR A 267 10.73 2.43 -33.50
N GLU A 268 11.12 3.33 -32.60
CA GLU A 268 11.10 4.76 -32.87
C GLU A 268 12.39 5.37 -32.34
N PHE A 269 13.37 5.54 -33.24
N PHE A 269 13.36 5.56 -33.22
CA PHE A 269 14.70 6.04 -32.92
CA PHE A 269 14.70 6.02 -32.83
C PHE A 269 14.64 7.40 -32.21
C PHE A 269 14.70 7.44 -32.23
N LYS A 270 13.88 8.33 -32.78
CA LYS A 270 13.82 9.70 -32.28
C LYS A 270 12.41 10.15 -31.93
N PHE A 271 12.26 10.71 -30.74
CA PHE A 271 11.03 11.35 -30.28
C PHE A 271 11.32 12.26 -29.08
N PRO A 272 10.57 13.37 -28.94
CA PRO A 272 10.74 14.24 -27.78
C PRO A 272 10.31 13.55 -26.48
N GLN A 273 11.21 13.50 -25.50
CA GLN A 273 10.88 12.91 -24.22
C GLN A 273 10.03 13.85 -23.38
N ILE A 274 9.02 13.29 -22.73
CA ILE A 274 8.16 14.06 -21.85
C ILE A 274 8.09 13.32 -20.51
N LYS A 275 8.26 14.08 -19.43
CA LYS A 275 8.18 13.53 -18.08
C LYS A 275 6.74 13.27 -17.68
N ALA A 276 6.56 12.30 -16.80
CA ALA A 276 5.25 12.00 -16.24
C ALA A 276 4.75 13.14 -15.39
N HIS A 277 3.43 13.36 -15.46
N HIS A 277 3.45 13.40 -15.46
CA HIS A 277 2.71 14.24 -14.56
CA HIS A 277 2.81 14.32 -14.54
C HIS A 277 2.58 13.53 -13.21
C HIS A 277 2.53 13.58 -13.23
N PRO A 278 2.72 14.27 -12.09
CA PRO A 278 2.55 13.63 -10.76
C PRO A 278 1.14 13.10 -10.55
N TRP A 279 1.05 11.85 -10.11
CA TRP A 279 -0.23 11.19 -9.83
C TRP A 279 -1.11 11.96 -8.85
N THR A 280 -0.47 12.63 -7.90
CA THR A 280 -1.18 13.38 -6.86
C THR A 280 -1.90 14.61 -7.39
N LYS A 281 -1.51 15.06 -8.59
CA LYS A 281 -2.17 16.18 -9.25
C LYS A 281 -3.16 15.75 -10.33
N VAL A 282 -3.09 14.46 -10.70
CA VAL A 282 -4.04 13.86 -11.64
C VAL A 282 -5.42 13.80 -10.99
N PHE A 283 -5.44 13.45 -9.70
CA PHE A 283 -6.68 13.28 -8.96
C PHE A 283 -7.02 14.51 -8.09
N ARG A 284 -8.29 14.62 -7.72
CA ARG A 284 -8.73 15.65 -6.79
C ARG A 284 -7.88 15.59 -5.50
N PRO A 285 -7.57 16.77 -4.92
CA PRO A 285 -6.79 16.83 -3.67
C PRO A 285 -7.21 15.85 -2.57
N ARG A 286 -8.51 15.66 -2.36
CA ARG A 286 -9.03 14.78 -1.31
C ARG A 286 -9.16 13.29 -1.67
N THR A 287 -8.64 12.90 -2.85
CA THR A 287 -8.59 11.50 -3.26
C THR A 287 -7.73 10.71 -2.26
N PRO A 288 -8.27 9.61 -1.71
CA PRO A 288 -7.51 8.78 -0.77
C PRO A 288 -6.14 8.40 -1.35
N PRO A 289 -5.05 8.77 -0.66
CA PRO A 289 -3.68 8.54 -1.13
C PRO A 289 -3.40 7.07 -1.48
N GLU A 290 -4.04 6.14 -0.77
CA GLU A 290 -3.86 4.72 -1.05
C GLU A 290 -4.47 4.28 -2.39
N ALA A 291 -5.58 4.92 -2.77
CA ALA A 291 -6.20 4.70 -4.10
C ALA A 291 -5.27 5.15 -5.23
N ILE A 292 -4.61 6.30 -5.04
CA ILE A 292 -3.63 6.83 -5.99
C ILE A 292 -2.42 5.92 -6.07
N ALA A 293 -1.98 5.41 -4.92
CA ALA A 293 -0.84 4.50 -4.86
C ALA A 293 -1.10 3.22 -5.66
N LEU A 294 -2.28 2.64 -5.47
CA LEU A 294 -2.68 1.44 -6.18
C LEU A 294 -2.74 1.73 -7.67
N CYS A 295 -3.30 2.88 -8.02
CA CYS A 295 -3.46 3.27 -9.40
C CYS A 295 -2.12 3.38 -10.14
N SER A 296 -1.12 3.93 -9.45
CA SER A 296 0.22 4.10 -10.00
C SER A 296 0.92 2.76 -10.28
N ARG A 297 0.45 1.69 -9.63
CA ARG A 297 1.02 0.35 -9.83
C ARG A 297 0.25 -0.48 -10.86
N LEU A 298 -0.84 0.10 -11.39
CA LEU A 298 -1.67 -0.55 -12.40
C LEU A 298 -1.47 0.13 -13.75
N LEU A 299 -1.35 1.45 -13.72
CA LEU A 299 -1.18 2.22 -14.96
C LEU A 299 0.29 2.47 -15.26
N GLU A 300 1.00 1.37 -15.52
CA GLU A 300 2.40 1.34 -15.92
C GLU A 300 2.50 1.00 -17.39
N TYR A 301 3.42 1.64 -18.11
CA TYR A 301 3.69 1.28 -19.50
C TYR A 301 4.14 -0.16 -19.61
N THR A 302 5.12 -0.53 -18.78
CA THR A 302 5.70 -1.88 -18.78
C THR A 302 4.67 -2.89 -18.30
N PRO A 303 4.18 -3.76 -19.22
CA PRO A 303 3.12 -4.71 -18.86
C PRO A 303 3.47 -5.62 -17.69
N THR A 304 4.72 -6.10 -17.63
CA THR A 304 5.15 -6.97 -16.52
C THR A 304 5.32 -6.23 -15.18
N ALA A 305 5.33 -4.90 -15.22
CA ALA A 305 5.49 -4.10 -13.99
C ALA A 305 4.16 -3.86 -13.26
N ARG A 306 3.05 -4.13 -13.94
CA ARG A 306 1.73 -3.97 -13.34
C ARG A 306 1.51 -5.05 -12.32
N LEU A 307 0.75 -4.73 -11.26
CA LEU A 307 0.33 -5.74 -10.29
C LEU A 307 -0.48 -6.84 -10.96
N THR A 308 -0.33 -8.07 -10.46
CA THR A 308 -1.25 -9.14 -10.81
C THR A 308 -2.56 -8.84 -10.07
N PRO A 309 -3.69 -9.33 -10.58
CA PRO A 309 -4.96 -9.19 -9.86
C PRO A 309 -4.90 -9.64 -8.38
N LEU A 310 -4.25 -10.77 -8.11
CA LEU A 310 -4.08 -11.25 -6.74
C LEU A 310 -3.29 -10.26 -5.88
N GLU A 311 -2.13 -9.82 -6.39
CA GLU A 311 -1.36 -8.77 -5.74
C GLU A 311 -2.19 -7.52 -5.51
N ALA A 312 -3.04 -7.16 -6.46
CA ALA A 312 -3.92 -6.02 -6.32
C ALA A 312 -4.95 -6.23 -5.20
N CYS A 313 -5.53 -7.43 -5.13
CA CYS A 313 -6.40 -7.81 -4.02
C CYS A 313 -5.74 -7.66 -2.64
N ALA A 314 -4.44 -7.96 -2.56
CA ALA A 314 -3.69 -7.91 -1.29
C ALA A 314 -3.18 -6.51 -0.92
N HIS A 315 -3.43 -5.53 -1.79
CA HIS A 315 -2.99 -4.15 -1.57
C HIS A 315 -3.63 -3.48 -0.35
N SER A 316 -2.85 -2.60 0.29
CA SER A 316 -3.24 -1.84 1.49
C SER A 316 -4.56 -1.10 1.36
N PHE A 317 -4.91 -0.70 0.14
CA PHE A 317 -6.15 0.04 -0.14
C PHE A 317 -7.40 -0.78 0.22
N PHE A 318 -7.29 -2.09 0.15
CA PHE A 318 -8.42 -2.97 0.44
C PHE A 318 -8.44 -3.45 1.90
N ASP A 319 -7.58 -2.85 2.73
CA ASP A 319 -7.48 -3.22 4.16
C ASP A 319 -8.80 -3.12 4.92
N GLU A 320 -9.58 -2.07 4.65
CA GLU A 320 -10.90 -1.90 5.25
C GLU A 320 -11.86 -3.08 5.00
N LEU A 321 -11.74 -3.70 3.83
CA LEU A 321 -12.56 -4.86 3.46
C LEU A 321 -12.26 -6.09 4.32
N ARG A 322 -11.04 -6.15 4.84
CA ARG A 322 -10.61 -7.26 5.68
C ARG A 322 -10.85 -7.00 7.17
N ASP A 323 -11.48 -5.86 7.48
CA ASP A 323 -11.83 -5.48 8.84
C ASP A 323 -13.12 -6.17 9.29
N PRO A 324 -13.06 -6.92 10.40
CA PRO A 324 -14.22 -7.67 10.94
C PRO A 324 -15.52 -6.87 11.03
N ASN A 325 -15.42 -5.58 11.33
CA ASN A 325 -16.59 -4.75 11.62
C ASN A 325 -17.13 -3.96 10.42
N VAL A 326 -16.55 -4.20 9.23
CA VAL A 326 -16.92 -3.46 8.02
C VAL A 326 -18.39 -3.69 7.63
N LYS A 327 -19.06 -2.63 7.20
CA LYS A 327 -20.45 -2.69 6.77
C LYS A 327 -20.67 -1.81 5.56
N LEU A 328 -21.67 -2.16 4.75
CA LEU A 328 -22.13 -1.29 3.65
C LEU A 328 -22.79 -0.05 4.24
N PRO A 329 -22.78 1.08 3.51
CA PRO A 329 -23.50 2.28 3.94
C PRO A 329 -24.98 2.05 4.23
N ASN A 330 -25.56 1.02 3.61
CA ASN A 330 -26.96 0.67 3.83
C ASN A 330 -27.21 -0.26 5.02
N GLY A 331 -26.18 -0.49 5.83
CA GLY A 331 -26.28 -1.31 7.04
C GLY A 331 -26.00 -2.78 6.83
N ARG A 332 -26.38 -3.30 5.65
CA ARG A 332 -26.11 -4.68 5.26
C ARG A 332 -24.64 -5.07 5.40
N ASP A 333 -24.40 -6.37 5.60
CA ASP A 333 -23.04 -6.92 5.58
C ASP A 333 -22.52 -6.92 4.14
N THR A 334 -21.21 -6.93 4.00
CA THR A 334 -20.58 -6.98 2.67
C THR A 334 -20.78 -8.36 2.06
N PRO A 335 -20.74 -8.45 0.71
CA PRO A 335 -20.77 -9.78 0.06
C PRO A 335 -19.56 -10.63 0.44
N ALA A 336 -19.58 -11.90 0.04
CA ALA A 336 -18.46 -12.79 0.28
C ALA A 336 -17.21 -12.27 -0.44
N LEU A 337 -16.11 -12.19 0.31
CA LEU A 337 -14.87 -11.59 -0.21
C LEU A 337 -13.67 -12.51 -0.03
N PHE A 338 -13.83 -13.54 0.80
CA PHE A 338 -12.69 -14.37 1.22
C PHE A 338 -12.80 -15.85 0.85
N ASN A 339 -13.84 -16.21 0.12
CA ASN A 339 -14.04 -17.61 -0.33
C ASN A 339 -13.11 -18.01 -1.49
N PHE A 340 -11.81 -17.96 -1.26
CA PHE A 340 -10.82 -18.23 -2.31
C PHE A 340 -10.66 -19.73 -2.60
N THR A 341 -10.39 -20.06 -3.85
CA THR A 341 -10.13 -21.43 -4.26
C THR A 341 -8.68 -21.58 -4.72
N THR A 342 -8.21 -22.83 -4.75
CA THR A 342 -6.86 -23.17 -5.21
C THR A 342 -6.59 -22.61 -6.61
N GLN A 343 -7.61 -22.68 -7.47
CA GLN A 343 -7.54 -22.13 -8.82
C GLN A 343 -7.26 -20.63 -8.77
N GLU A 344 -8.01 -19.93 -7.93
CA GLU A 344 -7.92 -18.48 -7.78
C GLU A 344 -6.58 -18.04 -7.19
N LEU A 345 -6.03 -18.85 -6.30
CA LEU A 345 -4.77 -18.54 -5.61
C LEU A 345 -3.54 -19.08 -6.32
N SER A 346 -3.73 -19.76 -7.45
CA SER A 346 -2.67 -20.53 -8.10
C SER A 346 -1.43 -19.73 -8.55
N SER A 347 -1.59 -18.44 -8.83
CA SER A 347 -0.46 -17.59 -9.24
C SER A 347 0.49 -17.26 -8.09
N ASN A 348 -0.03 -17.35 -6.86
CA ASN A 348 0.76 -17.08 -5.65
C ASN A 348 0.06 -17.68 -4.42
N PRO A 349 0.09 -19.01 -4.29
CA PRO A 349 -0.62 -19.71 -3.21
C PRO A 349 -0.39 -19.17 -1.78
N PRO A 350 0.86 -18.83 -1.40
CA PRO A 350 1.07 -18.26 -0.06
C PRO A 350 0.28 -16.98 0.28
N LEU A 351 -0.05 -16.14 -0.70
CA LEU A 351 -0.81 -14.90 -0.46
C LEU A 351 -2.17 -15.12 0.25
N ALA A 352 -2.59 -16.38 0.32
CA ALA A 352 -3.87 -16.77 0.92
C ALA A 352 -3.99 -16.40 2.40
N THR A 353 -2.87 -16.39 3.11
CA THR A 353 -2.86 -16.05 4.54
C THR A 353 -3.01 -14.55 4.78
N ILE A 354 -2.67 -13.75 3.78
CA ILE A 354 -2.88 -12.30 3.81
C ILE A 354 -4.28 -11.95 3.29
N LEU A 355 -4.69 -12.63 2.22
CA LEU A 355 -5.99 -12.41 1.61
C LEU A 355 -7.16 -12.87 2.47
N ILE A 356 -7.00 -13.98 3.17
CA ILE A 356 -8.02 -14.48 4.09
C ILE A 356 -7.64 -14.14 5.53
N PRO A 357 -8.30 -13.10 6.10
CA PRO A 357 -7.99 -12.63 7.44
C PRO A 357 -8.55 -13.59 8.50
N PRO A 358 -7.92 -13.67 9.68
CA PRO A 358 -8.42 -14.60 10.72
C PRO A 358 -9.94 -14.80 10.99
N HIS A 359 -10.78 -13.78 10.91
CA HIS A 359 -12.23 -13.98 11.12
C HIS A 359 -12.94 -14.69 9.96
N ALA A 360 -12.25 -14.79 8.82
CA ALA A 360 -12.83 -15.35 7.61
C ALA A 360 -12.68 -16.87 7.52
N ARG A 361 -11.67 -17.42 8.21
CA ARG A 361 -11.41 -18.86 8.23
C ARG A 361 -12.52 -19.63 8.95
N ILE A 362 -12.64 -20.92 8.63
CA ILE A 362 -13.63 -21.79 9.28
C ILE A 362 -13.21 -22.16 10.71
N LYS B 14 48.08 5.59 25.55
CA LYS B 14 47.48 5.51 26.92
C LYS B 14 46.32 4.53 26.95
N VAL B 15 46.57 3.36 27.54
CA VAL B 15 45.58 2.28 27.57
C VAL B 15 44.74 2.38 28.85
N THR B 16 43.43 2.49 28.66
CA THR B 16 42.49 2.46 29.76
C THR B 16 41.99 1.03 29.92
N THR B 17 42.09 0.50 31.13
CA THR B 17 41.68 -0.88 31.41
C THR B 17 40.65 -0.91 32.53
N VAL B 18 39.52 -1.56 32.23
CA VAL B 18 38.41 -1.70 33.17
C VAL B 18 37.99 -3.16 33.27
N VAL B 19 37.26 -3.47 34.33
CA VAL B 19 36.56 -4.75 34.43
C VAL B 19 35.12 -4.52 33.98
N ALA B 20 34.73 -5.20 32.91
CA ALA B 20 33.41 -5.03 32.33
C ALA B 20 32.72 -6.36 32.14
N THR B 21 31.39 -6.32 32.11
CA THR B 21 30.55 -7.48 31.88
C THR B 21 30.03 -7.41 30.44
N PRO B 22 30.11 -8.53 29.71
CA PRO B 22 29.53 -8.61 28.35
C PRO B 22 28.07 -8.20 28.32
N GLY B 23 27.68 -7.46 27.28
CA GLY B 23 26.31 -6.98 27.12
C GLY B 23 25.31 -8.11 26.98
N GLN B 24 25.70 -9.16 26.27
CA GLN B 24 24.87 -10.33 26.06
C GLN B 24 25.66 -11.60 26.37
N GLY B 25 24.96 -12.64 26.84
CA GLY B 25 25.56 -13.96 26.96
C GLY B 25 25.92 -14.42 28.36
N PRO B 26 27.24 -14.50 28.66
CA PRO B 26 27.74 -15.12 29.89
C PRO B 26 27.29 -14.47 31.20
N ASP B 27 27.61 -13.19 31.40
CA ASP B 27 27.40 -12.47 32.67
C ASP B 27 28.69 -12.45 33.49
N ARG B 28 29.68 -13.23 33.05
CA ARG B 28 30.98 -13.30 33.71
C ARG B 28 31.84 -12.09 33.40
N PRO B 29 32.23 -11.32 34.44
CA PRO B 29 33.06 -10.12 34.25
C PRO B 29 34.41 -10.41 33.59
N GLN B 30 35.01 -9.37 33.04
CA GLN B 30 36.11 -9.52 32.11
C GLN B 30 36.91 -8.23 32.05
N GLU B 31 38.22 -8.37 31.87
N GLU B 31 38.22 -8.38 31.86
CA GLU B 31 39.11 -7.22 31.70
CA GLU B 31 39.13 -7.26 31.66
C GLU B 31 39.03 -6.71 30.26
C GLU B 31 38.99 -6.72 30.23
N VAL B 32 38.71 -5.43 30.11
CA VAL B 32 38.55 -4.79 28.80
C VAL B 32 39.43 -3.54 28.68
N SER B 33 40.32 -3.56 27.68
CA SER B 33 41.25 -2.45 27.44
C SER B 33 40.85 -1.65 26.21
N TYR B 34 40.99 -0.33 26.29
CA TYR B 34 40.70 0.56 25.16
C TYR B 34 41.58 1.81 25.11
N THR B 35 41.74 2.34 23.90
CA THR B 35 42.58 3.52 23.64
C THR B 35 41.85 4.60 22.85
N ASP B 36 42.54 5.73 22.65
CA ASP B 36 42.09 6.85 21.80
C ASP B 36 40.74 7.43 22.23
N THR B 37 40.54 7.56 23.54
CA THR B 37 39.29 8.07 24.09
C THR B 37 39.07 9.55 23.75
N LYS B 38 37.95 9.83 23.09
N LYS B 38 37.98 9.84 23.07
CA LYS B 38 37.62 11.21 22.69
CA LYS B 38 37.61 11.21 22.73
C LYS B 38 36.11 11.48 22.82
C LYS B 38 36.11 11.46 22.89
N VAL B 39 35.78 12.65 23.38
CA VAL B 39 34.38 13.07 23.56
C VAL B 39 33.72 13.29 22.20
N ILE B 40 32.54 12.69 22.01
CA ILE B 40 31.77 12.86 20.77
C ILE B 40 30.32 13.32 21.00
N GLY B 41 29.93 13.46 22.27
CA GLY B 41 28.57 13.88 22.62
C GLY B 41 28.38 14.21 24.08
N ASN B 42 27.63 15.28 24.33
CA ASN B 42 27.28 15.73 25.67
C ASN B 42 25.77 16.00 25.78
N GLY B 43 25.32 16.30 26.99
CA GLY B 43 23.91 16.57 27.25
C GLY B 43 23.54 16.19 28.66
N SER B 44 22.28 16.44 29.03
CA SER B 44 21.80 16.17 30.39
C SER B 44 21.85 14.68 30.74
N PHE B 45 21.80 13.83 29.72
CA PHE B 45 21.92 12.37 29.89
C PHE B 45 23.27 11.95 30.46
N GLY B 46 24.33 12.67 30.06
CA GLY B 46 25.70 12.32 30.41
C GLY B 46 26.66 12.60 29.28
N VAL B 47 27.61 11.70 29.05
CA VAL B 47 28.64 11.87 28.04
C VAL B 47 28.77 10.63 27.16
N VAL B 48 29.06 10.83 25.88
CA VAL B 48 29.40 9.74 24.97
C VAL B 48 30.83 9.92 24.47
N TYR B 49 31.62 8.86 24.57
CA TYR B 49 33.01 8.88 24.12
C TYR B 49 33.17 7.92 22.97
N GLN B 50 34.09 8.23 22.07
CA GLN B 50 34.58 7.26 21.13
C GLN B 50 35.87 6.66 21.68
N ALA B 51 36.12 5.39 21.35
CA ALA B 51 37.32 4.71 21.77
C ALA B 51 37.60 3.52 20.85
N LYS B 52 38.85 3.04 20.89
CA LYS B 52 39.26 1.89 20.11
C LYS B 52 39.66 0.75 21.05
N LEU B 53 38.96 -0.38 20.93
CA LEU B 53 39.30 -1.59 21.67
C LEU B 53 40.70 -2.08 21.30
N CYS B 54 41.52 -2.31 22.31
CA CYS B 54 42.90 -2.78 22.11
C CYS B 54 42.96 -4.18 21.51
N ASP B 55 41.94 -4.97 21.82
CA ASP B 55 41.95 -6.41 21.58
C ASP B 55 41.49 -6.79 20.18
N SER B 56 41.03 -5.80 19.40
CA SER B 56 40.50 -6.04 18.05
C SER B 56 40.60 -4.83 17.12
N GLY B 57 40.92 -3.66 17.67
CA GLY B 57 41.02 -2.43 16.89
C GLY B 57 39.68 -1.80 16.54
N GLU B 58 38.60 -2.45 16.97
CA GLU B 58 37.24 -1.99 16.68
C GLU B 58 36.88 -0.73 17.44
N LEU B 59 36.12 0.14 16.78
CA LEU B 59 35.67 1.40 17.35
C LEU B 59 34.40 1.23 18.15
N VAL B 60 34.36 1.83 19.33
CA VAL B 60 33.21 1.74 20.22
C VAL B 60 32.76 3.12 20.68
N ALA B 61 31.51 3.20 21.10
CA ALA B 61 31.00 4.38 21.77
C ALA B 61 30.73 4.02 23.24
N ILE B 62 31.21 4.87 24.13
CA ILE B 62 31.01 4.64 25.56
C ILE B 62 30.07 5.71 26.08
N LYS B 63 28.84 5.31 26.38
CA LYS B 63 27.85 6.20 26.97
C LYS B 63 27.96 6.14 28.49
N LYS B 64 28.41 7.26 29.08
CA LYS B 64 28.62 7.40 30.51
C LYS B 64 27.46 8.15 31.14
N VAL B 65 26.77 7.46 32.07
CA VAL B 65 25.56 7.98 32.71
C VAL B 65 25.70 7.94 34.23
N LEU B 66 25.39 9.06 34.89
CA LEU B 66 25.37 9.12 36.35
C LEU B 66 24.25 8.22 36.89
N GLN B 67 24.58 7.39 37.87
CA GLN B 67 23.70 6.31 38.28
C GLN B 67 23.27 6.21 39.74
N ASP B 68 24.04 5.44 40.52
CA ASP B 68 23.49 4.42 41.45
C ASP B 68 22.04 3.88 41.23
N LYS B 69 21.05 4.17 42.09
CA LYS B 69 21.22 4.95 43.32
C LYS B 69 21.21 4.18 44.68
N ARG B 70 21.51 2.87 44.76
CA ARG B 70 21.74 1.94 43.65
C ARG B 70 20.40 1.31 43.28
N PHE B 71 19.81 1.83 42.21
CA PHE B 71 18.59 1.30 41.65
C PHE B 71 18.95 0.56 40.37
N LYS B 72 17.99 -0.17 39.80
CA LYS B 72 18.20 -0.82 38.52
C LYS B 72 18.06 0.21 37.40
N ASN B 73 18.94 0.13 36.42
CA ASN B 73 18.86 0.98 35.23
C ASN B 73 18.00 0.31 34.17
N ARG B 74 16.93 0.99 33.76
CA ARG B 74 16.04 0.51 32.72
C ARG B 74 16.74 0.32 31.37
N GLU B 75 17.56 1.30 31.00
CA GLU B 75 18.25 1.28 29.70
C GLU B 75 19.11 0.05 29.58
N LEU B 76 19.89 -0.22 30.62
N LEU B 76 19.88 -0.24 30.63
CA LEU B 76 20.78 -1.37 30.70
CA LEU B 76 20.74 -1.42 30.69
C LEU B 76 20.01 -2.69 30.54
C LEU B 76 19.96 -2.72 30.59
N GLN B 77 18.94 -2.82 31.32
N GLN B 77 18.90 -2.83 31.39
CA GLN B 77 18.17 -4.06 31.35
CA GLN B 77 18.07 -4.04 31.41
C GLN B 77 17.48 -4.35 30.03
C GLN B 77 17.52 -4.33 30.02
N ILE B 78 17.03 -3.28 29.35
CA ILE B 78 16.45 -3.40 28.01
C ILE B 78 17.54 -3.81 27.01
N MET B 79 18.68 -3.11 27.05
CA MET B 79 19.77 -3.37 26.12
C MET B 79 20.37 -4.78 26.19
N ARG B 80 20.36 -5.38 27.38
CA ARG B 80 20.84 -6.76 27.57
C ARG B 80 19.96 -7.81 26.88
N LYS B 81 18.70 -7.47 26.64
CA LYS B 81 17.77 -8.37 25.94
C LYS B 81 17.93 -8.36 24.42
N LEU B 82 18.55 -7.31 23.90
CA LEU B 82 18.48 -7.03 22.47
C LEU B 82 19.67 -7.53 21.65
N ASP B 83 19.36 -8.32 20.64
CA ASP B 83 20.35 -8.78 19.68
C ASP B 83 19.71 -8.69 18.29
N HIS B 84 19.96 -7.58 17.60
CA HIS B 84 19.33 -7.33 16.30
C HIS B 84 20.21 -6.46 15.40
N CYS B 85 20.28 -6.81 14.13
CA CYS B 85 21.10 -6.11 13.15
C CYS B 85 20.75 -4.62 12.99
N ASN B 86 19.53 -4.23 13.38
CA ASN B 86 19.12 -2.84 13.30
C ASN B 86 19.02 -2.13 14.66
N ILE B 87 19.69 -2.70 15.67
CA ILE B 87 19.80 -2.09 16.99
C ILE B 87 21.26 -2.04 17.43
N VAL B 88 21.71 -0.86 17.86
CA VAL B 88 23.07 -0.69 18.30
C VAL B 88 23.38 -1.74 19.38
N ARG B 89 24.47 -2.47 19.19
CA ARG B 89 24.82 -3.58 20.08
C ARG B 89 25.53 -3.09 21.34
N LEU B 90 25.06 -3.56 22.50
CA LEU B 90 25.79 -3.40 23.75
C LEU B 90 26.86 -4.48 23.83
N ARG B 91 28.11 -4.09 23.67
CA ARG B 91 29.24 -5.02 23.76
C ARG B 91 29.56 -5.36 25.21
N TYR B 92 29.66 -4.32 26.03
CA TYR B 92 29.99 -4.44 27.44
C TYR B 92 29.30 -3.36 28.24
N PHE B 93 29.12 -3.58 29.53
CA PHE B 93 28.81 -2.52 30.47
C PHE B 93 29.72 -2.60 31.70
N PHE B 94 30.08 -1.44 32.24
CA PHE B 94 30.85 -1.38 33.47
C PHE B 94 30.50 -0.15 34.31
N TYR B 95 30.69 -0.29 35.62
CA TYR B 95 30.46 0.82 36.52
C TYR B 95 31.79 1.45 36.89
N SER B 96 31.73 2.74 37.16
CA SER B 96 32.91 3.50 37.54
C SER B 96 32.51 4.57 38.52
N SER B 97 33.36 4.81 39.50
CA SER B 97 33.09 5.81 40.52
C SER B 97 33.79 7.12 40.14
N GLY B 98 33.14 8.24 40.44
CA GLY B 98 33.74 9.56 40.25
C GLY B 98 34.92 9.71 41.19
N GLU B 99 34.63 10.02 42.45
CA GLU B 99 35.63 10.19 43.52
C GLU B 99 35.03 10.93 44.73
N LYS B 100 33.72 11.15 44.67
CA LYS B 100 33.04 12.02 45.63
C LYS B 100 32.08 11.26 46.55
N LYS B 101 32.38 9.97 46.77
CA LYS B 101 31.54 9.06 47.55
C LYS B 101 30.16 8.87 46.92
N ASP B 102 29.65 7.63 46.98
CA ASP B 102 28.43 7.24 46.26
C ASP B 102 28.18 8.05 44.97
N GLU B 103 29.24 8.23 44.18
CA GLU B 103 29.12 8.90 42.89
C GLU B 103 29.50 7.92 41.77
N VAL B 104 28.51 7.13 41.37
CA VAL B 104 28.71 6.01 40.45
C VAL B 104 28.23 6.36 39.05
N TYR B 105 28.98 5.90 38.06
CA TYR B 105 28.62 6.05 36.66
C TYR B 105 28.45 4.69 35.99
N LEU B 106 27.37 4.54 35.25
CA LEU B 106 27.19 3.39 34.37
C LEU B 106 27.78 3.69 33.00
N ASN B 107 28.55 2.74 32.48
CA ASN B 107 29.15 2.89 31.15
C ASN B 107 28.65 1.81 30.20
N LEU B 108 27.95 2.25 29.15
CA LEU B 108 27.46 1.36 28.11
C LEU B 108 28.42 1.41 26.93
N VAL B 109 29.03 0.27 26.64
CA VAL B 109 29.97 0.18 25.53
C VAL B 109 29.25 -0.37 24.29
N LEU B 110 29.01 0.52 23.34
CA LEU B 110 28.23 0.21 22.14
C LEU B 110 29.13 0.15 20.91
N ASP B 111 28.73 -0.60 19.89
CA ASP B 111 29.38 -0.57 18.58
C ASP B 111 29.31 0.85 18.02
N TYR B 112 30.44 1.39 17.59
CA TYR B 112 30.47 2.75 17.06
C TYR B 112 29.87 2.79 15.66
N VAL B 113 29.01 3.78 15.44
CA VAL B 113 28.40 4.02 14.15
C VAL B 113 28.66 5.49 13.82
N PRO B 114 29.24 5.76 12.62
CA PRO B 114 29.76 7.10 12.29
C PRO B 114 28.71 8.20 12.07
N GLU B 115 27.54 7.85 11.55
CA GLU B 115 26.57 8.88 11.16
C GLU B 115 25.19 8.68 11.79
N THR B 116 24.28 9.62 11.55
CA THR B 116 22.88 9.51 11.95
C THR B 116 21.95 9.89 10.80
N VAL B 117 20.69 9.45 10.88
CA VAL B 117 19.68 9.86 9.90
C VAL B 117 19.51 11.37 9.91
N TYR B 118 19.55 11.96 11.11
CA TYR B 118 19.48 13.41 11.26
C TYR B 118 20.56 14.18 10.46
N ARG B 119 21.82 13.77 10.60
N ARG B 119 21.82 13.77 10.63
CA ARG B 119 22.92 14.48 9.94
CA ARG B 119 22.97 14.41 9.96
C ARG B 119 22.95 14.29 8.42
C ARG B 119 22.86 14.32 8.44
N VAL B 120 22.55 13.12 7.95
CA VAL B 120 22.42 12.86 6.52
C VAL B 120 21.28 13.68 5.89
N ALA B 121 20.11 13.68 6.55
CA ALA B 121 18.97 14.47 6.11
C ALA B 121 19.30 15.97 6.05
N ARG B 122 19.97 16.46 7.08
CA ARG B 122 20.37 17.87 7.15
C ARG B 122 21.37 18.22 6.05
N HIS B 123 22.28 17.29 5.75
CA HIS B 123 23.23 17.43 4.66
C HIS B 123 22.52 17.67 3.31
N TYR B 124 21.45 16.92 3.06
CA TYR B 124 20.68 17.08 1.83
C TYR B 124 19.86 18.36 1.84
N SER B 125 19.29 18.67 3.00
CA SER B 125 18.51 19.87 3.22
C SER B 125 19.35 21.15 3.02
N ARG B 126 20.60 21.09 3.45
CA ARG B 126 21.53 22.21 3.29
C ARG B 126 21.97 22.40 1.85
N ALA B 127 22.16 21.29 1.14
CA ALA B 127 22.53 21.29 -0.26
C ALA B 127 21.32 21.53 -1.17
N LYS B 128 20.20 21.92 -0.55
CA LYS B 128 18.93 22.14 -1.24
C LYS B 128 18.51 20.96 -2.13
N GLN B 129 18.69 19.75 -1.60
CA GLN B 129 18.25 18.53 -2.26
C GLN B 129 17.29 17.79 -1.34
N THR B 130 16.31 17.13 -1.95
CA THR B 130 15.48 16.19 -1.23
C THR B 130 16.19 14.84 -1.19
N LEU B 131 16.14 14.16 -0.04
CA LEU B 131 16.80 12.87 0.11
C LEU B 131 16.26 11.90 -0.93
N PRO B 132 17.16 11.21 -1.67
CA PRO B 132 16.76 10.23 -2.68
C PRO B 132 15.84 9.17 -2.07
N VAL B 133 14.77 8.85 -2.80
CA VAL B 133 13.70 8.00 -2.28
C VAL B 133 14.17 6.60 -1.89
N ILE B 134 15.23 6.14 -2.55
CA ILE B 134 15.82 4.85 -2.22
C ILE B 134 16.32 4.81 -0.76
N TYR B 135 16.89 5.92 -0.29
CA TYR B 135 17.40 6.00 1.06
C TYR B 135 16.27 6.11 2.07
N VAL B 136 15.20 6.80 1.68
CA VAL B 136 13.99 6.92 2.50
C VAL B 136 13.39 5.53 2.73
N LYS B 137 13.23 4.76 1.65
CA LYS B 137 12.73 3.40 1.76
C LYS B 137 13.63 2.56 2.66
N LEU B 138 14.93 2.70 2.45
CA LEU B 138 15.94 1.91 3.14
C LEU B 138 15.99 2.20 4.64
N TYR B 139 16.00 3.49 5.00
CA TYR B 139 16.10 3.90 6.39
C TYR B 139 14.83 3.53 7.16
N MET B 140 13.67 3.83 6.56
CA MET B 140 12.37 3.56 7.17
C MET B 140 12.11 2.09 7.37
N TYR B 141 12.42 1.28 6.36
CA TYR B 141 12.25 -0.17 6.44
C TYR B 141 13.02 -0.76 7.62
N GLN B 142 14.27 -0.35 7.77
CA GLN B 142 15.13 -0.84 8.87
C GLN B 142 14.62 -0.36 10.23
N LEU B 143 14.14 0.88 10.29
CA LEU B 143 13.51 1.39 11.51
C LEU B 143 12.32 0.51 11.94
N PHE B 144 11.41 0.25 11.00
CA PHE B 144 10.22 -0.55 11.32
C PHE B 144 10.59 -1.97 11.76
N ARG B 145 11.64 -2.50 11.15
CA ARG B 145 12.20 -3.79 11.52
C ARG B 145 12.72 -3.77 12.97
N SER B 146 13.50 -2.73 13.31
CA SER B 146 13.97 -2.57 14.68
C SER B 146 12.80 -2.42 15.65
N LEU B 147 11.75 -1.72 15.21
CA LEU B 147 10.56 -1.52 16.00
C LEU B 147 9.77 -2.81 16.20
N ALA B 148 9.62 -3.61 15.15
CA ALA B 148 8.96 -4.90 15.26
C ALA B 148 9.68 -5.77 16.29
N TYR B 149 11.02 -5.71 16.27
CA TYR B 149 11.84 -6.47 17.19
C TYR B 149 11.59 -6.06 18.64
N ILE B 150 11.78 -4.78 18.96
CA ILE B 150 11.62 -4.35 20.35
C ILE B 150 10.19 -4.52 20.87
N HIS B 151 9.19 -4.30 20.01
CA HIS B 151 7.79 -4.40 20.42
C HIS B 151 7.36 -5.83 20.76
N SER B 152 8.02 -6.81 20.14
CA SER B 152 7.75 -8.23 20.41
C SER B 152 8.12 -8.62 21.85
N PHE B 153 8.99 -7.84 22.48
CA PHE B 153 9.31 -7.98 23.90
C PHE B 153 8.44 -7.08 24.77
N GLY B 154 7.49 -6.37 24.17
CA GLY B 154 6.68 -5.39 24.90
C GLY B 154 7.44 -4.11 25.21
N ILE B 155 8.60 -3.95 24.59
CA ILE B 155 9.44 -2.78 24.82
C ILE B 155 9.07 -1.64 23.87
N CYS B 156 8.81 -0.46 24.46
CA CYS B 156 8.50 0.74 23.70
C CYS B 156 9.67 1.69 23.85
N HIS B 157 10.20 2.13 22.70
CA HIS B 157 11.38 3.00 22.70
C HIS B 157 11.09 4.35 23.34
N ARG B 158 9.97 4.97 22.93
CA ARG B 158 9.49 6.24 23.48
C ARG B 158 10.32 7.48 23.12
N ASP B 159 11.35 7.32 22.29
CA ASP B 159 12.09 8.50 21.83
C ASP B 159 12.58 8.36 20.39
N ILE B 160 11.68 7.93 19.51
CA ILE B 160 12.00 7.79 18.09
C ILE B 160 12.08 9.17 17.41
N LYS B 161 13.23 9.42 16.79
CA LYS B 161 13.54 10.68 16.12
C LYS B 161 14.83 10.47 15.31
N PRO B 162 15.10 11.34 14.31
CA PRO B 162 16.22 11.11 13.39
C PRO B 162 17.60 11.04 14.07
N GLN B 163 17.77 11.81 15.14
CA GLN B 163 19.01 11.83 15.93
C GLN B 163 19.31 10.48 16.59
N ASN B 164 18.26 9.67 16.83
CA ASN B 164 18.43 8.37 17.46
C ASN B 164 18.54 7.22 16.46
N LEU B 165 18.62 7.56 15.19
CA LEU B 165 18.78 6.56 14.13
C LEU B 165 20.19 6.61 13.56
N LEU B 166 21.03 5.69 14.00
CA LEU B 166 22.43 5.68 13.58
C LEU B 166 22.57 5.09 12.19
N LEU B 167 23.55 5.60 11.45
CA LEU B 167 23.72 5.25 10.05
C LEU B 167 25.17 4.96 9.70
N ASP B 168 25.43 3.81 9.08
CA ASP B 168 26.71 3.57 8.43
C ASP B 168 26.60 4.10 7.01
N PRO B 169 27.30 5.20 6.70
CA PRO B 169 27.13 5.88 5.41
C PRO B 169 27.56 5.03 4.21
N ASP B 170 28.43 4.04 4.43
CA ASP B 170 28.87 3.14 3.37
C ASP B 170 27.83 2.07 3.05
N THR B 171 27.44 1.31 4.06
CA THR B 171 26.55 0.16 3.91
C THR B 171 25.06 0.51 3.92
N ALA B 172 24.74 1.73 4.35
CA ALA B 172 23.36 2.16 4.57
C ALA B 172 22.62 1.35 5.65
N VAL B 173 23.38 0.69 6.53
CA VAL B 173 22.80 -0.01 7.67
C VAL B 173 22.34 1.03 8.69
N LEU B 174 21.09 0.89 9.13
CA LEU B 174 20.54 1.75 10.19
C LEU B 174 20.52 0.99 11.51
N LYS B 175 20.92 1.66 12.58
CA LYS B 175 20.79 1.10 13.93
C LYS B 175 20.08 2.04 14.91
N LEU B 176 19.00 1.55 15.51
CA LEU B 176 18.31 2.28 16.56
C LEU B 176 19.20 2.40 17.81
N CYS B 177 19.23 3.58 18.40
CA CYS B 177 19.97 3.79 19.63
C CYS B 177 19.22 4.68 20.62
N ASP B 178 19.88 4.96 21.74
CA ASP B 178 19.35 5.74 22.88
C ASP B 178 18.08 5.16 23.47
N PHE B 179 18.24 4.10 24.26
CA PHE B 179 17.13 3.47 24.96
C PHE B 179 16.90 4.07 26.34
N GLY B 180 17.34 5.32 26.51
CA GLY B 180 17.21 6.05 27.78
C GLY B 180 15.81 6.47 28.16
N SER B 181 14.87 6.44 27.21
CA SER B 181 13.45 6.69 27.46
C SER B 181 12.62 5.40 27.38
N ALA B 182 13.25 4.32 26.96
CA ALA B 182 12.58 3.06 26.70
C ALA B 182 11.95 2.42 27.96
N LYS B 183 10.87 1.67 27.76
CA LYS B 183 10.20 0.97 28.84
C LYS B 183 9.44 -0.25 28.33
N GLN B 184 9.55 -1.34 29.08
CA GLN B 184 8.71 -2.52 28.87
C GLN B 184 7.29 -2.18 29.33
N LEU B 185 6.38 -2.10 28.37
CA LEU B 185 5.00 -1.73 28.65
C LEU B 185 4.18 -2.91 29.15
N VAL B 186 3.48 -2.68 30.27
CA VAL B 186 2.60 -3.68 30.85
C VAL B 186 1.19 -3.11 30.84
N ARG B 187 0.29 -3.78 30.11
N ARG B 187 0.29 -3.77 30.13
CA ARG B 187 -1.12 -3.41 30.07
CA ARG B 187 -1.11 -3.33 30.05
C ARG B 187 -1.70 -3.37 31.49
C ARG B 187 -1.76 -3.38 31.43
N GLY B 188 -2.26 -2.23 31.86
CA GLY B 188 -2.84 -2.08 33.20
C GLY B 188 -2.03 -1.17 34.11
N GLU B 189 -0.73 -1.07 33.84
CA GLU B 189 0.18 -0.23 34.64
C GLU B 189 0.48 1.09 33.92
N PRO B 190 0.20 2.22 34.59
CA PRO B 190 0.36 3.56 34.01
C PRO B 190 1.80 3.92 33.61
N ASN B 191 1.91 4.71 32.54
CA ASN B 191 3.19 5.20 32.05
C ASN B 191 3.09 6.71 31.94
N VAL B 192 4.22 7.39 32.13
CA VAL B 192 4.24 8.86 32.08
C VAL B 192 3.87 9.40 30.69
N SER B 193 3.16 10.54 30.67
CA SER B 193 2.68 11.18 29.45
C SER B 193 3.69 12.12 28.80
N PTR B 194 4.42 12.88 29.61
CA PTR B 194 5.46 13.77 29.09
C PTR B 194 6.68 12.94 28.68
O PTR B 194 7.64 12.79 29.45
CB PTR B 194 5.86 14.91 30.04
CG PTR B 194 6.55 16.09 29.36
CD1 PTR B 194 5.83 16.94 28.51
CD2 PTR B 194 7.90 16.36 29.56
CE1 PTR B 194 6.43 18.03 27.89
CE2 PTR B 194 8.52 17.45 28.93
CZ PTR B 194 7.78 18.27 28.09
OH PTR B 194 8.33 19.25 27.55
P PTR B 194 8.48 19.52 25.95
O1P PTR B 194 9.19 18.36 25.37
O2P PTR B 194 9.31 20.79 25.76
O3P PTR B 194 7.11 19.73 25.27
N ILE B 195 6.62 12.40 27.48
CA ILE B 195 7.68 11.54 26.95
C ILE B 195 7.78 11.79 25.43
N CYS B 196 8.89 11.35 24.83
N CYS B 196 8.91 11.39 24.85
CA CYS B 196 9.22 11.63 23.42
CA CYS B 196 9.23 11.61 23.43
C CYS B 196 9.63 13.08 23.21
C CYS B 196 9.56 13.08 23.16
N SER B 197 10.43 13.31 22.17
CA SER B 197 10.76 14.67 21.74
C SER B 197 9.51 15.25 21.13
N ARG B 198 9.24 16.51 21.44
CA ARG B 198 8.00 17.17 21.10
C ARG B 198 7.51 16.94 19.67
N TYR B 199 8.40 17.10 18.69
CA TYR B 199 8.01 17.03 17.26
C TYR B 199 7.47 15.65 16.87
N TYR B 200 7.91 14.62 17.60
CA TYR B 200 7.66 13.22 17.26
C TYR B 200 6.69 12.58 18.25
N ARG B 201 6.18 13.41 19.15
CA ARG B 201 5.29 12.99 20.22
C ARG B 201 3.88 12.70 19.68
N ALA B 202 3.45 11.45 19.84
CA ALA B 202 2.09 11.01 19.50
C ALA B 202 1.01 11.87 20.18
N PRO B 203 -0.14 12.06 19.49
CA PRO B 203 -1.19 12.95 20.02
C PRO B 203 -1.84 12.46 21.32
N GLU B 204 -1.92 11.13 21.52
CA GLU B 204 -2.44 10.59 22.77
C GLU B 204 -1.63 11.06 23.99
N LEU B 205 -0.33 11.26 23.80
CA LEU B 205 0.57 11.71 24.86
C LEU B 205 0.32 13.17 25.23
N ILE B 206 0.02 13.98 24.22
CA ILE B 206 -0.39 15.37 24.41
C ILE B 206 -1.74 15.40 25.15
N PHE B 207 -2.63 14.47 24.81
CA PHE B 207 -3.92 14.36 25.48
C PHE B 207 -3.82 13.75 26.88
N GLY B 208 -2.61 13.36 27.28
CA GLY B 208 -2.32 12.99 28.66
C GLY B 208 -2.48 11.52 29.00
N ALA B 209 -2.70 10.69 27.98
CA ALA B 209 -2.85 9.25 28.16
C ALA B 209 -1.71 8.64 28.95
N THR B 210 -2.06 7.70 29.83
CA THR B 210 -1.10 6.94 30.61
C THR B 210 -1.24 5.45 30.30
N ASP B 211 -2.24 5.13 29.46
CA ASP B 211 -2.53 3.76 29.05
C ASP B 211 -2.12 3.51 27.59
N TYR B 212 -1.13 4.26 27.12
CA TYR B 212 -0.70 4.15 25.73
C TYR B 212 0.12 2.89 25.46
N THR B 213 0.27 2.58 24.17
CA THR B 213 0.95 1.37 23.74
C THR B 213 2.19 1.71 22.93
N SER B 214 2.81 0.66 22.39
N SER B 214 2.82 0.66 22.39
CA SER B 214 4.00 0.79 21.55
CA SER B 214 4.00 0.80 21.55
C SER B 214 3.70 1.50 20.22
C SER B 214 3.69 1.54 20.23
N SER B 215 2.41 1.69 19.90
CA SER B 215 2.00 2.43 18.70
C SER B 215 2.41 3.92 18.72
N ILE B 216 2.84 4.43 19.88
CA ILE B 216 3.42 5.77 19.95
C ILE B 216 4.71 5.88 19.14
N ASP B 217 5.44 4.77 19.04
CA ASP B 217 6.68 4.67 18.25
C ASP B 217 6.40 4.67 16.73
N VAL B 218 5.26 4.09 16.35
CA VAL B 218 4.83 4.08 14.95
C VAL B 218 4.43 5.50 14.52
N TRP B 219 3.73 6.23 15.38
CA TRP B 219 3.48 7.64 15.14
C TRP B 219 4.80 8.40 14.94
N SER B 220 5.73 8.20 15.87
CA SER B 220 7.05 8.81 15.77
C SER B 220 7.75 8.43 14.46
N ALA B 221 7.65 7.15 14.09
CA ALA B 221 8.19 6.66 12.82
C ALA B 221 7.53 7.37 11.64
N GLY B 222 6.23 7.64 11.76
CA GLY B 222 5.51 8.42 10.75
C GLY B 222 6.04 9.83 10.58
N CYS B 223 6.38 10.47 11.70
CA CYS B 223 6.92 11.83 11.68
C CYS B 223 8.31 11.88 11.04
N VAL B 224 9.08 10.81 11.20
CA VAL B 224 10.39 10.68 10.57
C VAL B 224 10.21 10.48 9.06
N LEU B 225 9.30 9.58 8.67
CA LEU B 225 8.98 9.39 7.26
C LEU B 225 8.65 10.75 6.62
N ALA B 226 7.63 11.43 7.15
CA ALA B 226 7.17 12.69 6.57
C ALA B 226 8.30 13.73 6.49
N GLU B 227 9.14 13.77 7.52
CA GLU B 227 10.28 14.67 7.59
C GLU B 227 11.29 14.41 6.47
N LEU B 228 11.54 13.15 6.16
CA LEU B 228 12.46 12.78 5.09
C LEU B 228 11.90 13.16 3.72
N LEU B 229 10.58 13.22 3.63
CA LEU B 229 9.91 13.61 2.39
C LEU B 229 9.86 15.13 2.25
N LEU B 230 9.76 15.82 3.37
CA LEU B 230 9.57 17.28 3.39
C LEU B 230 10.89 18.05 3.46
N GLY B 231 11.92 17.41 3.98
CA GLY B 231 13.20 18.09 4.20
C GLY B 231 13.20 18.91 5.48
N GLN B 232 12.18 18.71 6.31
CA GLN B 232 11.98 19.42 7.58
C GLN B 232 10.89 18.70 8.42
N PRO B 233 10.88 18.90 9.76
CA PRO B 233 9.84 18.27 10.58
C PRO B 233 8.43 18.62 10.12
N ILE B 234 7.54 17.63 10.12
CA ILE B 234 6.15 17.86 9.73
C ILE B 234 5.36 18.65 10.79
N PHE B 235 5.67 18.42 12.06
CA PHE B 235 4.95 19.05 13.17
C PHE B 235 5.90 19.79 14.11
N PRO B 236 6.36 20.99 13.72
CA PRO B 236 7.34 21.73 14.51
C PRO B 236 6.71 22.63 15.59
N GLY B 237 6.16 22.02 16.64
CA GLY B 237 5.49 22.78 17.69
C GLY B 237 6.46 23.59 18.55
N ASP B 238 6.06 24.83 18.87
CA ASP B 238 6.83 25.71 19.74
C ASP B 238 6.67 25.33 21.21
N SER B 239 5.61 24.57 21.49
CA SER B 239 5.31 24.08 22.84
C SER B 239 4.41 22.85 22.75
N GLY B 240 4.05 22.30 23.90
CA GLY B 240 3.15 21.14 23.97
C GLY B 240 1.78 21.40 23.36
N VAL B 241 1.23 22.59 23.64
CA VAL B 241 -0.07 22.98 23.10
C VAL B 241 0.05 23.24 21.59
N ASP B 242 1.10 23.96 21.21
CA ASP B 242 1.37 24.27 19.80
C ASP B 242 1.68 23.02 18.99
N GLN B 243 2.19 21.97 19.65
CA GLN B 243 2.38 20.69 18.98
C GLN B 243 1.06 20.12 18.46
N LEU B 244 0.00 20.19 19.27
CA LEU B 244 -1.34 19.75 18.86
C LEU B 244 -1.89 20.64 17.74
N VAL B 245 -1.59 21.93 17.82
CA VAL B 245 -2.00 22.90 16.78
C VAL B 245 -1.47 22.48 15.42
N GLU B 246 -0.18 22.12 15.38
CA GLU B 246 0.51 21.68 14.17
C GLU B 246 -0.13 20.41 13.62
N ILE B 247 -0.47 19.50 14.53
CA ILE B 247 -1.13 18.24 14.15
C ILE B 247 -2.51 18.51 13.57
N ILE B 248 -3.26 19.39 14.23
CA ILE B 248 -4.60 19.78 13.78
C ILE B 248 -4.57 20.42 12.38
N LYS B 249 -3.56 21.25 12.13
CA LYS B 249 -3.41 21.86 10.80
C LYS B 249 -3.32 20.81 9.67
N VAL B 250 -2.86 19.61 10.00
CA VAL B 250 -2.82 18.51 9.03
C VAL B 250 -4.00 17.53 9.19
N LEU B 251 -4.19 16.99 10.40
CA LEU B 251 -5.20 15.96 10.65
C LEU B 251 -6.61 16.50 10.90
N GLY B 252 -6.73 17.81 11.08
CA GLY B 252 -7.97 18.41 11.56
C GLY B 252 -8.19 18.03 13.02
N THR B 253 -9.35 18.39 13.57
CA THR B 253 -9.70 17.99 14.93
C THR B 253 -10.05 16.52 14.95
N PRO B 254 -9.79 15.83 16.08
CA PRO B 254 -10.25 14.46 16.21
C PRO B 254 -11.76 14.36 16.49
N THR B 255 -12.34 13.22 16.17
CA THR B 255 -13.72 12.91 16.51
C THR B 255 -13.78 12.48 17.97
N ARG B 256 -14.99 12.46 18.53
CA ARG B 256 -15.19 12.03 19.91
C ARG B 256 -14.73 10.58 20.11
N GLU B 257 -14.85 9.78 19.05
CA GLU B 257 -14.38 8.41 19.07
C GLU B 257 -12.86 8.33 19.11
N GLN B 258 -12.19 9.18 18.32
CA GLN B 258 -10.72 9.22 18.28
C GLN B 258 -10.13 9.71 19.59
N ILE B 259 -10.77 10.70 20.20
CA ILE B 259 -10.39 11.20 21.53
C ILE B 259 -10.41 10.07 22.55
N ARG B 260 -11.48 9.26 22.50
CA ARG B 260 -11.68 8.16 23.43
C ARG B 260 -10.61 7.10 23.25
N GLU B 261 -10.28 6.83 21.98
CA GLU B 261 -9.22 5.90 21.64
C GLU B 261 -7.85 6.39 22.13
N MET B 262 -7.63 7.69 22.02
CA MET B 262 -6.37 8.30 22.49
C MET B 262 -6.26 8.32 24.01
N ASN B 263 -7.30 8.81 24.67
CA ASN B 263 -7.34 8.89 26.14
C ASN B 263 -8.79 8.85 26.68
N PRO B 264 -9.24 7.66 27.13
CA PRO B 264 -10.62 7.52 27.63
C PRO B 264 -10.89 8.35 28.90
N ASN B 265 -9.83 8.84 29.54
CA ASN B 265 -9.98 9.70 30.72
C ASN B 265 -9.99 11.19 30.39
N TYR B 266 -9.98 11.51 29.10
CA TYR B 266 -10.17 12.88 28.66
C TYR B 266 -11.53 13.01 27.98
N THR B 267 -12.27 14.05 28.35
CA THR B 267 -13.52 14.40 27.67
C THR B 267 -13.59 15.89 27.38
N GLU B 268 -14.01 16.21 26.15
CA GLU B 268 -14.32 17.58 25.76
C GLU B 268 -15.64 17.53 25.01
N PHE B 269 -16.67 18.11 25.61
N PHE B 269 -16.68 18.05 25.65
CA PHE B 269 -18.05 18.02 25.09
CA PHE B 269 -18.05 18.08 25.11
C PHE B 269 -18.24 18.77 23.76
C PHE B 269 -18.13 18.75 23.75
N LYS B 270 -17.81 20.03 23.72
CA LYS B 270 -17.91 20.85 22.52
C LYS B 270 -16.59 21.52 22.18
N PHE B 271 -16.29 21.54 20.89
CA PHE B 271 -15.12 22.24 20.37
C PHE B 271 -15.35 22.55 18.89
N PRO B 272 -14.68 23.58 18.35
CA PRO B 272 -14.82 23.90 16.94
C PRO B 272 -14.17 22.83 16.06
N GLN B 273 -14.89 22.38 15.03
CA GLN B 273 -14.37 21.37 14.12
C GLN B 273 -13.53 21.98 13.02
N ILE B 274 -12.30 21.48 12.89
CA ILE B 274 -11.46 21.78 11.73
C ILE B 274 -11.30 20.51 10.88
N LYS B 275 -11.48 20.66 9.57
N LYS B 275 -11.47 20.65 9.57
CA LYS B 275 -11.30 19.56 8.64
CA LYS B 275 -11.33 19.52 8.66
C LYS B 275 -9.82 19.27 8.38
C LYS B 275 -9.87 19.29 8.27
N ALA B 276 -9.52 18.02 8.05
CA ALA B 276 -8.15 17.61 7.73
C ALA B 276 -7.66 18.22 6.43
N HIS B 277 -6.38 18.59 6.39
CA HIS B 277 -5.71 19.01 5.18
C HIS B 277 -5.41 17.76 4.34
N PRO B 278 -5.72 17.79 3.03
CA PRO B 278 -5.51 16.61 2.18
C PRO B 278 -4.03 16.22 2.12
N TRP B 279 -3.75 14.93 2.33
CA TRP B 279 -2.39 14.43 2.40
C TRP B 279 -1.54 14.76 1.19
N THR B 280 -2.16 14.79 0.01
CA THR B 280 -1.43 15.08 -1.23
C THR B 280 -0.99 16.53 -1.35
N LYS B 281 -1.61 17.41 -0.56
CA LYS B 281 -1.19 18.81 -0.49
C LYS B 281 -0.18 19.05 0.63
N VAL B 282 -0.10 18.14 1.59
CA VAL B 282 0.87 18.24 2.68
C VAL B 282 2.27 18.06 2.08
N PHE B 283 2.40 17.13 1.14
CA PHE B 283 3.67 16.86 0.51
C PHE B 283 3.79 17.55 -0.85
N ARG B 284 5.03 17.74 -1.30
CA ARG B 284 5.28 18.34 -2.59
C ARG B 284 4.76 17.43 -3.72
N PRO B 285 4.40 18.01 -4.88
CA PRO B 285 3.89 17.23 -6.02
C PRO B 285 4.72 16.02 -6.46
N ARG B 286 6.05 16.09 -6.35
CA ARG B 286 6.93 15.00 -6.78
C ARG B 286 7.04 13.83 -5.81
N THR B 287 6.47 13.98 -4.60
CA THR B 287 6.50 12.92 -3.59
C THR B 287 5.81 11.66 -4.12
N PRO B 288 6.51 10.51 -4.08
CA PRO B 288 5.91 9.25 -4.53
C PRO B 288 4.62 8.94 -3.77
N PRO B 289 3.52 8.65 -4.50
CA PRO B 289 2.21 8.39 -3.90
C PRO B 289 2.18 7.26 -2.87
N GLU B 290 3.06 6.26 -3.02
CA GLU B 290 3.15 5.16 -2.05
C GLU B 290 3.72 5.65 -0.70
N ALA B 291 4.58 6.67 -0.74
CA ALA B 291 5.16 7.26 0.47
C ALA B 291 4.12 8.05 1.25
N ILE B 292 3.29 8.78 0.52
CA ILE B 292 2.15 9.52 1.07
C ILE B 292 1.16 8.53 1.65
N ALA B 293 0.85 7.49 0.89
CA ALA B 293 -0.08 6.44 1.32
C ALA B 293 0.38 5.80 2.63
N LEU B 294 1.65 5.39 2.71
CA LEU B 294 2.19 4.82 3.94
C LEU B 294 2.04 5.80 5.11
N CYS B 295 2.40 7.06 4.87
CA CYS B 295 2.36 8.08 5.89
C CYS B 295 0.95 8.30 6.46
N SER B 296 -0.05 8.24 5.60
CA SER B 296 -1.45 8.39 6.02
C SER B 296 -1.93 7.26 6.94
N ARG B 297 -1.21 6.13 6.93
CA ARG B 297 -1.56 4.95 7.72
C ARG B 297 -0.77 4.92 9.02
N LEU B 298 0.20 5.82 9.13
CA LEU B 298 1.02 5.93 10.33
C LEU B 298 0.57 7.10 11.18
N LEU B 299 0.26 8.22 10.53
CA LEU B 299 -0.14 9.44 11.21
C LEU B 299 -1.66 9.53 11.37
N GLU B 300 -2.17 8.63 12.22
CA GLU B 300 -3.59 8.50 12.55
C GLU B 300 -3.84 8.86 14.03
N TYR B 301 -4.92 9.57 14.30
CA TYR B 301 -5.30 9.88 15.70
C TYR B 301 -5.48 8.58 16.51
N THR B 302 -6.31 7.67 15.98
CA THR B 302 -6.62 6.40 16.62
C THR B 302 -5.40 5.47 16.64
N PRO B 303 -4.82 5.26 17.83
CA PRO B 303 -3.59 4.46 17.97
C PRO B 303 -3.69 3.06 17.36
N THR B 304 -4.82 2.39 17.54
CA THR B 304 -5.01 1.02 17.01
C THR B 304 -5.18 1.01 15.49
N ALA B 305 -5.44 2.17 14.90
CA ALA B 305 -5.60 2.26 13.43
C ALA B 305 -4.26 2.32 12.68
N ARG B 306 -3.20 2.68 13.40
CA ARG B 306 -1.85 2.74 12.82
C ARG B 306 -1.35 1.34 12.49
N LEU B 307 -0.64 1.23 11.37
CA LEU B 307 0.03 -0.01 11.00
C LEU B 307 0.92 -0.47 12.14
N THR B 308 1.09 -1.78 12.26
CA THR B 308 2.15 -2.34 13.09
C THR B 308 3.45 -2.23 12.28
N PRO B 309 4.60 -2.21 12.98
CA PRO B 309 5.89 -2.21 12.30
C PRO B 309 6.03 -3.26 11.19
N LEU B 310 5.61 -4.50 11.44
CA LEU B 310 5.67 -5.55 10.41
C LEU B 310 4.79 -5.25 9.21
N GLU B 311 3.56 -4.79 9.47
CA GLU B 311 2.66 -4.34 8.41
C GLU B 311 3.31 -3.24 7.58
N ALA B 312 3.99 -2.33 8.25
CA ALA B 312 4.67 -1.23 7.60
C ALA B 312 5.76 -1.76 6.67
N CYS B 313 6.57 -2.70 7.16
CA CYS B 313 7.61 -3.36 6.36
C CYS B 313 7.04 -4.01 5.08
N ALA B 314 5.80 -4.47 5.15
CA ALA B 314 5.14 -5.18 4.05
C ALA B 314 4.43 -4.26 3.06
N HIS B 315 4.41 -2.96 3.36
CA HIS B 315 3.76 -1.95 2.54
C HIS B 315 4.42 -1.86 1.17
N SER B 316 3.61 -1.56 0.16
CA SER B 316 4.09 -1.45 -1.22
C SER B 316 5.17 -0.37 -1.43
N PHE B 317 5.25 0.60 -0.53
CA PHE B 317 6.33 1.60 -0.58
C PHE B 317 7.71 0.95 -0.58
N PHE B 318 7.83 -0.19 0.10
CA PHE B 318 9.11 -0.85 0.22
C PHE B 318 9.39 -1.92 -0.85
N ASP B 319 8.49 -2.04 -1.83
CA ASP B 319 8.62 -3.07 -2.88
C ASP B 319 9.94 -3.04 -3.64
N GLU B 320 10.45 -1.85 -3.93
CA GLU B 320 11.77 -1.72 -4.57
C GLU B 320 12.87 -2.47 -3.83
N LEU B 321 12.80 -2.48 -2.49
CA LEU B 321 13.79 -3.18 -1.67
C LEU B 321 13.73 -4.69 -1.87
N ARG B 322 12.57 -5.21 -2.24
CA ARG B 322 12.38 -6.64 -2.46
C ARG B 322 12.71 -7.04 -3.91
N ASP B 323 13.14 -6.07 -4.72
CA ASP B 323 13.58 -6.31 -6.09
C ASP B 323 15.00 -6.85 -6.07
N PRO B 324 15.23 -8.06 -6.65
CA PRO B 324 16.55 -8.69 -6.65
C PRO B 324 17.67 -7.83 -7.27
N ASN B 325 17.30 -6.87 -8.11
CA ASN B 325 18.26 -6.03 -8.82
C ASN B 325 18.62 -4.71 -8.13
N VAL B 326 18.00 -4.45 -6.98
CA VAL B 326 18.17 -3.17 -6.27
C VAL B 326 19.63 -2.93 -5.85
N LYS B 327 20.09 -1.70 -6.06
CA LYS B 327 21.42 -1.27 -5.63
C LYS B 327 21.34 0.06 -4.90
N LEU B 328 22.32 0.31 -4.02
CA LEU B 328 22.52 1.64 -3.45
C LEU B 328 23.06 2.59 -4.52
N PRO B 329 22.74 3.90 -4.42
CA PRO B 329 23.34 4.91 -5.32
C PRO B 329 24.86 4.94 -5.31
N ASN B 330 25.50 4.46 -4.25
CA ASN B 330 26.97 4.38 -4.19
C ASN B 330 27.54 3.14 -4.88
N GLY B 331 26.66 2.33 -5.47
CA GLY B 331 27.07 1.13 -6.19
C GLY B 331 26.89 -0.15 -5.40
N ARG B 332 26.96 -0.05 -4.07
CA ARG B 332 26.87 -1.21 -3.19
C ARG B 332 25.54 -1.94 -3.24
N ASP B 333 25.57 -3.19 -2.82
CA ASP B 333 24.35 -3.96 -2.55
C ASP B 333 23.63 -3.36 -1.34
N THR B 334 22.34 -3.66 -1.22
CA THR B 334 21.58 -3.29 -0.03
C THR B 334 22.08 -4.11 1.16
N PRO B 335 21.95 -3.56 2.38
CA PRO B 335 22.21 -4.36 3.59
C PRO B 335 21.26 -5.55 3.69
N ALA B 336 21.46 -6.40 4.70
CA ALA B 336 20.56 -7.52 4.94
C ALA B 336 19.18 -7.00 5.32
N LEU B 337 18.16 -7.43 4.57
CA LEU B 337 16.80 -6.91 4.74
C LEU B 337 15.76 -8.00 5.01
N PHE B 338 16.09 -9.25 4.69
CA PHE B 338 15.12 -10.33 4.71
C PHE B 338 15.46 -11.47 5.68
N ASN B 339 16.52 -11.29 6.46
CA ASN B 339 16.94 -12.31 7.42
C ASN B 339 16.09 -12.28 8.70
N PHE B 340 14.78 -12.44 8.53
CA PHE B 340 13.85 -12.42 9.65
C PHE B 340 13.98 -13.68 10.51
N THR B 341 14.01 -13.47 11.83
CA THR B 341 13.89 -14.58 12.77
C THR B 341 12.44 -14.72 13.16
N THR B 342 12.03 -15.96 13.48
CA THR B 342 10.65 -16.27 13.88
C THR B 342 10.16 -15.37 15.02
N GLN B 343 11.09 -14.97 15.88
CA GLN B 343 10.87 -13.97 16.92
C GLN B 343 10.35 -12.65 16.32
N GLU B 344 11.05 -12.16 15.29
CA GLU B 344 10.69 -10.93 14.58
C GLU B 344 9.30 -11.04 13.94
N LEU B 345 9.01 -12.23 13.44
CA LEU B 345 7.76 -12.50 12.73
C LEU B 345 6.60 -12.90 13.64
N SER B 346 6.84 -12.89 14.96
CA SER B 346 5.90 -13.46 15.94
C SER B 346 4.50 -12.84 15.92
N SER B 347 4.42 -11.53 15.70
CA SER B 347 3.13 -10.85 15.69
C SER B 347 2.26 -11.21 14.48
N ASN B 348 2.90 -11.67 13.40
CA ASN B 348 2.20 -11.89 12.11
C ASN B 348 3.02 -12.71 11.09
N PRO B 349 3.07 -14.05 11.25
CA PRO B 349 3.72 -14.94 10.28
C PRO B 349 3.21 -14.91 8.82
N PRO B 350 1.87 -14.88 8.59
CA PRO B 350 1.37 -14.70 7.21
C PRO B 350 2.12 -13.64 6.39
N LEU B 351 2.75 -12.69 7.06
CA LEU B 351 3.44 -11.60 6.38
C LEU B 351 4.79 -12.00 5.78
N ALA B 352 5.34 -13.13 6.23
CA ALA B 352 6.57 -13.70 5.66
C ALA B 352 6.50 -13.91 4.14
N THR B 353 5.27 -14.01 3.61
CA THR B 353 5.02 -14.17 2.18
C THR B 353 5.45 -12.94 1.38
N ILE B 354 5.09 -11.75 1.87
CA ILE B 354 5.56 -10.51 1.27
C ILE B 354 6.98 -10.22 1.75
N LEU B 355 7.20 -10.27 3.06
CA LEU B 355 8.46 -9.84 3.68
C LEU B 355 9.72 -10.56 3.19
N ILE B 356 9.60 -11.86 2.92
CA ILE B 356 10.74 -12.63 2.41
C ILE B 356 10.48 -13.01 0.95
N PRO B 357 11.12 -12.29 0.01
CA PRO B 357 10.92 -12.47 -1.43
C PRO B 357 11.54 -13.78 -1.93
N PRO B 358 10.96 -14.37 -3.00
CA PRO B 358 11.44 -15.63 -3.57
C PRO B 358 12.97 -15.73 -3.61
N HIS B 359 13.61 -14.73 -4.21
CA HIS B 359 15.07 -14.75 -4.45
C HIS B 359 15.93 -14.83 -3.19
N ALA B 360 15.36 -14.51 -2.04
CA ALA B 360 16.12 -14.41 -0.80
C ALA B 360 15.92 -15.60 0.13
N ARG B 361 14.97 -16.47 -0.20
CA ARG B 361 14.67 -17.62 0.64
C ARG B 361 15.71 -18.73 0.48
N ILE B 362 16.47 -18.97 1.56
CA ILE B 362 17.54 -19.96 1.58
C ILE B 362 17.03 -21.34 1.94
N PRO C 5 -7.85 7.78 -36.96
CA PRO C 5 -6.71 7.02 -36.45
C PRO C 5 -7.00 5.52 -36.35
N HIS C 6 -7.31 4.93 -37.50
CA HIS C 6 -7.48 3.49 -37.66
C HIS C 6 -6.51 3.05 -38.75
N ARG C 7 -6.60 3.74 -39.90
CA ARG C 7 -5.58 3.67 -40.94
C ARG C 7 -4.42 4.59 -40.57
N LEU C 8 -4.75 5.71 -39.91
CA LEU C 8 -3.76 6.66 -39.43
C LEU C 8 -2.84 6.05 -38.36
N LEU C 9 -3.44 5.37 -37.39
CA LEU C 9 -2.69 4.67 -36.35
C LEU C 9 -1.82 3.58 -36.96
N GLN C 10 -2.38 2.83 -37.91
CA GLN C 10 -1.65 1.81 -38.66
C GLN C 10 -0.43 2.42 -39.33
N GLN C 11 -0.61 3.54 -40.03
CA GLN C 11 0.50 4.25 -40.68
C GLN C 11 1.57 4.66 -39.68
N LEU C 12 1.14 5.23 -38.56
CA LEU C 12 2.04 5.69 -37.52
C LEU C 12 2.87 4.56 -36.95
N VAL C 13 2.22 3.43 -36.69
CA VAL C 13 2.89 2.24 -36.18
C VAL C 13 3.86 1.69 -37.24
N LEU C 14 3.41 1.65 -38.50
CA LEU C 14 4.22 1.11 -39.59
C LEU C 14 5.40 1.99 -39.92
N SER C 15 5.21 3.32 -39.87
CA SER C 15 6.26 4.28 -40.19
C SER C 15 7.17 4.63 -39.00
N GLY C 16 6.83 4.12 -37.82
CA GLY C 16 7.63 4.37 -36.61
C GLY C 16 7.56 5.81 -36.13
N ASN C 17 6.41 6.46 -36.29
CA ASN C 17 6.25 7.87 -35.92
C ASN C 17 5.11 8.11 -34.94
N LEU C 18 4.63 7.04 -34.32
CA LEU C 18 3.50 7.12 -33.39
C LEU C 18 3.72 8.12 -32.26
N ILE C 19 4.83 7.99 -31.53
CA ILE C 19 5.10 8.84 -30.37
C ILE C 19 5.34 10.29 -30.78
N LYS C 20 6.18 10.45 -31.81
CA LYS C 20 6.46 11.73 -32.46
C LYS C 20 5.18 12.51 -32.78
N GLU C 21 4.20 11.84 -33.37
CA GLU C 21 2.93 12.47 -33.74
C GLU C 21 2.03 12.74 -32.52
N ALA C 22 1.98 11.78 -31.60
CA ALA C 22 1.23 11.95 -30.36
C ALA C 22 1.74 13.18 -29.60
N VAL C 23 3.06 13.27 -29.45
CA VAL C 23 3.71 14.42 -28.81
C VAL C 23 3.35 15.73 -29.50
N ARG C 24 3.36 15.72 -30.83
CA ARG C 24 2.95 16.88 -31.63
C ARG C 24 1.50 17.27 -31.33
N ARG C 25 0.62 16.27 -31.25
CA ARG C 25 -0.80 16.49 -30.96
C ARG C 25 -1.08 16.95 -29.53
N LEU C 26 -0.19 16.61 -28.60
CA LEU C 26 -0.23 17.16 -27.24
C LEU C 26 -0.33 18.67 -27.37
N HIS C 27 0.40 19.18 -28.38
CA HIS C 27 0.08 20.42 -29.10
C HIS C 27 0.72 21.72 -28.60
N SER C 28 1.80 21.66 -27.83
CA SER C 28 2.47 20.42 -27.44
C SER C 28 2.91 20.54 -25.98
N ARG D 7 3.00 22.76 32.31
CA ARG D 7 2.04 23.43 33.25
C ARG D 7 0.74 23.84 32.55
N LEU D 8 0.85 24.51 31.40
CA LEU D 8 -0.32 24.95 30.64
C LEU D 8 -1.08 23.79 29.98
N LEU D 9 -0.34 22.91 29.32
CA LEU D 9 -0.92 21.73 28.68
C LEU D 9 -1.59 20.83 29.72
N GLN D 10 -0.94 20.68 30.87
CA GLN D 10 -1.44 19.86 31.97
C GLN D 10 -2.81 20.37 32.40
N GLN D 11 -2.91 21.69 32.60
CA GLN D 11 -4.14 22.34 32.99
C GLN D 11 -5.27 22.17 31.96
N LEU D 12 -4.95 22.36 30.67
CA LEU D 12 -5.93 22.21 29.60
C LEU D 12 -6.43 20.79 29.46
N VAL D 13 -5.56 19.83 29.77
CA VAL D 13 -5.93 18.42 29.77
C VAL D 13 -6.87 18.12 30.94
N LEU D 14 -6.50 18.61 32.12
CA LEU D 14 -7.28 18.37 33.34
C LEU D 14 -8.63 19.09 33.28
N SER D 15 -8.64 20.29 32.70
CA SER D 15 -9.87 21.09 32.60
C SER D 15 -10.75 20.73 31.40
N GLY D 16 -10.21 19.94 30.48
CA GLY D 16 -10.93 19.55 29.26
C GLY D 16 -11.17 20.70 28.28
N ASN D 17 -10.16 21.54 28.10
CA ASN D 17 -10.24 22.67 27.15
C ASN D 17 -9.16 22.63 26.06
N LEU D 18 -8.42 21.53 26.01
CA LEU D 18 -7.28 21.41 25.11
C LEU D 18 -7.60 21.71 23.65
N ILE D 19 -8.64 21.06 23.13
CA ILE D 19 -8.96 21.19 21.70
C ILE D 19 -9.41 22.60 21.33
N LYS D 20 -10.37 23.16 22.07
CA LYS D 20 -10.84 24.53 21.76
C LYS D 20 -9.74 25.60 21.91
N GLU D 21 -8.82 25.40 22.84
CA GLU D 21 -7.69 26.31 23.00
C GLU D 21 -6.70 26.18 21.86
N ALA D 22 -6.51 24.96 21.37
CA ALA D 22 -5.63 24.68 20.23
C ALA D 22 -6.15 25.29 18.93
N VAL D 23 -7.46 25.13 18.70
CA VAL D 23 -8.13 25.69 17.53
C VAL D 23 -8.06 27.22 17.53
N ARG D 24 -8.26 27.80 18.70
CA ARG D 24 -8.17 29.24 18.90
C ARG D 24 -6.78 29.76 18.50
N ARG D 25 -5.75 28.99 18.83
CA ARG D 25 -4.36 29.39 18.58
C ARG D 25 -3.97 29.34 17.09
N LEU D 26 -4.63 28.50 16.32
CA LEU D 26 -4.29 28.39 14.89
C LEU D 26 -5.05 29.38 14.01
N HIS D 27 -6.28 29.71 14.40
CA HIS D 27 -7.02 30.77 13.72
C HIS D 27 -6.38 32.11 14.07
N SER D 28 -6.25 32.36 15.39
CA SER D 28 -5.48 33.47 15.98
C SER D 28 -5.01 34.55 15.00
S SO4 E . -7.83 -12.99 -32.05
O1 SO4 E . -7.78 -14.45 -32.08
O2 SO4 E . -9.15 -12.55 -31.61
O3 SO4 E . -7.55 -12.43 -33.36
O4 SO4 E . -6.81 -12.53 -31.11
C1 GOL F . -10.57 17.56 -3.81
O1 GOL F . -11.62 16.63 -3.71
C2 GOL F . -10.89 18.82 -3.02
O2 GOL F . -12.04 18.61 -2.24
C3 GOL F . -9.74 19.16 -2.08
O3 GOL F . -10.06 20.27 -1.27
C1 GOL G . -16.85 9.60 0.96
O1 GOL G . -16.21 8.35 0.90
C2 GOL G . -18.35 9.42 0.77
O2 GOL G . -18.79 10.20 -0.32
C3 GOL G . -19.09 9.83 2.04
O3 GOL G . -20.33 9.14 2.10
S SO4 H . -9.43 -20.16 -30.39
O1 SO4 H . -9.17 -20.22 -31.82
O2 SO4 H . -10.87 -20.13 -30.16
O3 SO4 H . -8.87 -21.35 -29.75
O4 SO4 H . -8.81 -18.97 -29.82
C1 ZRK I . -24.14 -6.86 -23.70
C2 ZRK I . -25.04 -6.63 -22.74
C3 ZRK I . -25.10 -7.60 -21.74
C4 ZRK I . -24.30 -8.72 -21.72
C5 ZRK I . -23.34 -8.98 -22.74
O8 ZRK I . -22.63 -9.98 -22.73
O10 ZRK I . -25.91 -7.62 -20.65
C11 ZRK I . -25.63 -8.75 -19.93
C12 ZRK I . -26.37 -8.95 -18.73
C17 ZRK I . -27.29 -8.01 -18.29
C16 ZRK I . -27.97 -8.26 -17.12
C9 ZRK I . -24.64 -9.47 -20.56
N15 ZRK I . -27.81 -9.35 -16.36
C14 ZRK I . -26.90 -10.24 -16.81
N3 ZRK I . -23.32 -7.98 -23.71
C13 ZRK I . -26.18 -10.08 -17.96
S SO4 J . 7.36 5.64 33.39
O1 SO4 J . 8.68 5.88 32.82
O2 SO4 J . 6.38 5.46 32.35
O3 SO4 J . 6.99 6.80 34.19
O4 SO4 J . 7.42 4.44 34.21
C1 GOL K . 16.75 8.75 -6.57
O1 GOL K . 15.92 7.79 -5.94
C2 GOL K . 16.06 10.10 -6.67
O2 GOL K . 14.94 10.16 -5.82
C3 GOL K . 17.03 11.24 -6.32
O3 GOL K . 18.12 11.29 -7.20
S SO4 L . 10.41 -0.45 36.16
O1 SO4 L . 9.84 -0.81 34.86
O2 SO4 L . 10.22 -1.57 37.09
O3 SO4 L . 11.83 -0.17 36.01
O4 SO4 L . 9.73 0.73 36.69
S SO4 M . 0.93 -20.81 -22.65
O1 SO4 M . 1.16 -19.41 -23.06
O2 SO4 M . -0.50 -21.09 -22.64
O3 SO4 M . 1.58 -21.69 -23.61
O4 SO4 M . 1.48 -21.02 -21.32
S SO4 N . -21.28 11.86 18.58
O1 SO4 N . -20.56 13.05 18.15
O2 SO4 N . -21.85 11.18 17.42
O3 SO4 N . -20.36 10.96 19.28
O4 SO4 N . -22.36 12.25 19.49
C1 ZRK O . 23.49 10.47 22.81
C2 ZRK O . 24.42 10.28 21.87
C3 ZRK O . 24.64 8.95 21.52
C4 ZRK O . 23.97 7.88 22.06
C5 ZRK O . 22.96 8.08 23.06
O8 ZRK O . 22.35 7.14 23.55
O10 ZRK O . 25.53 8.48 20.61
C11 ZRK O . 25.42 7.12 20.56
C12 ZRK O . 26.28 6.43 19.64
C17 ZRK O . 27.05 7.13 18.73
C16 ZRK O . 27.85 6.41 17.86
C9 ZRK O . 24.46 6.70 21.45
N15 ZRK O . 27.94 5.08 17.82
C14 ZRK O . 27.18 4.44 18.71
N3 ZRK O . 22.79 9.41 23.37
C13 ZRK O . 26.35 5.05 19.63
#